data_4C2I
#
_entry.id   4C2I
#
_cell.length_a   1.000
_cell.length_b   1.000
_cell.length_c   1.000
_cell.angle_alpha   90.00
_cell.angle_beta   90.00
_cell.angle_gamma   90.00
#
_symmetry.space_group_name_H-M   'P 1'
#
loop_
_entity.id
_entity.type
_entity.pdbx_description
1 polymer 'ENVELOPE PROTEIN'
2 polymer POLYPROTEIN
3 polymer 'HEAVY CHAIN FAB FRAGMENT OF ANTIBODY 1F4'
4 polymer 'LIGHT CHAIN FAB FRAGMENT OF ANTIBODY 1F4'
5 branched 2-acetamido-2-deoxy-beta-D-glucopyranose-(1-4)-2-acetamido-2-deoxy-beta-D-glucopyranose-(1-4)-2-acetamido-2-deoxy-beta-D-glucopyranose
6 branched 2-acetamido-2-deoxy-beta-D-glucopyranose-(1-4)-2-acetamido-2-deoxy-beta-D-glucopyranose
7 non-polymer 2-acetamido-2-deoxy-beta-D-glucopyranose
#
loop_
_entity_poly.entity_id
_entity_poly.type
_entity_poly.pdbx_seq_one_letter_code
_entity_poly.pdbx_strand_id
1 'polypeptide(L)'
;MRCVGISNRDFVEGLSATGWVDVVLEHGSCVTTMAKDKPTLDIELLKTEVTNPAVLRKLCIEAKISNTTTDSRCPTQGEA
TLVEEQDANFVCRRTFVDRGWGNGCGLFGKGSLITCAKFKCVTKLEGKIVQYENLKYSVIVTVHTGDQHQVGNESTEHGT
TATITPQAPTTEIQLTDYGALTLDCSPRTGLDFNEMVLLTMKEKSWLVHKQWFLDLPLPWTSGASTSQETWNRQDLLVTF
KTAHAKKQEVVVLGSQEGAMHTALTGATEIQTSGTTTIFAGHLKCRLKMDKLTLKGMSYVMCTGSFKLEKEVAETQHGTV
LVQIKYEGTDAPCKIPFSTQDEKGVTQNGRLITANPIVTDKEKPVNIEAEPPFGESYIVIGAGEKALKLSWFKKGSSIGK
MFEATARGARRMAILGDTAWDFGSIGGVFTSVGKLVHQIFGTAYGVLFSGVSWTMKIGIGVLLTWLGLNSRSTSLSMTCI
AVGLVTLYLGVMVQA
;
A,C,E
2 'polypeptide(L)' SVALAPHVGLGLETRTETWMSSEGAWKQIQKVETWALGHPGFTVIALFLAHAIGTSITQKGIIFILLMLVTPSMA B,D,F
3 'polypeptide(L)'
;GSWAQVQLVESGGGVVQPGRSLRLSCAASGFTFSAYGMHWVRQAPGKGLEWVAIIWYDGSNKYYADSVKGRFTISRDNSK
NTLHLQMNSLRAEDTAIYYCARDKNPGTKPYYHYGMDVWGQGTTVTVSSAGTKGPSVFPLAPSSKSTSGGTAALGCLVKD
YFPEPVTVSWNSGALTSGVHTFPAVLQSSGLYSLSSVVTVPSSSLGTQTYICNVNHKPSNTKVDKKVEPKSC
;
H,M
4 'polypeptide(L)'
;LATMAWMMLLLLTLITHCAGSWAQSVLTQPPSVSEAPRQRVTISCSGSSSNIGNNAVNWYQQFPGKAPKLLIYYDDLLPS
GVSDRFSGSKSGTSASLAISGLQSEDEAYYYCAAWDDSLIGVVFGGGTKLTVLGQPKAAPSVTLFPPSSEELQANKATLV
CLISDFYPGAVTVAWKADSSPVKAGVETTTPSKQSNNKYAASSYLSLTPEQWKSHRSYSCQVTHEGSTVEKTVAPTECS
;
L,N
#
# COMPACT_ATOMS: atom_id res chain seq x y z
CA MET A 1 58.64 20.08 -14.65
CA ARG A 2 56.88 19.30 -11.32
CA CYS A 3 56.69 15.65 -12.12
CA VAL A 4 60.31 14.35 -12.37
CA GLY A 5 61.61 13.34 -9.00
CA ILE A 6 58.62 11.65 -7.10
CA SER A 7 58.42 7.77 -6.97
CA ASN A 8 54.66 7.14 -7.70
CA ARG A 9 55.14 8.64 -11.31
CA ASP A 10 56.87 6.95 -14.28
CA PHE A 11 58.36 7.54 -17.77
CA VAL A 12 56.82 6.65 -21.10
CA GLU A 13 59.11 7.44 -24.09
CA GLY A 14 57.05 7.61 -27.38
CA LEU A 15 56.18 8.82 -30.88
CA SER A 16 54.83 5.31 -31.97
CA ALA A 17 53.15 4.89 -35.45
CA THR A 18 53.87 8.52 -36.60
CA GLY A 19 52.84 9.90 -33.18
CA TRP A 20 49.67 7.78 -32.50
CA VAL A 21 50.51 7.24 -28.86
CA ASP A 22 48.51 5.27 -26.33
CA VAL A 23 48.69 6.40 -22.62
CA VAL A 24 46.89 5.78 -19.19
CA LEU A 25 46.83 7.81 -15.84
CA GLU A 26 46.02 6.32 -12.39
CA HIS A 27 44.70 9.54 -10.86
CA GLY A 28 47.19 11.65 -8.62
CA SER A 29 50.38 10.50 -10.25
CA CYS A 30 52.34 11.54 -13.29
CA VAL A 31 53.07 9.94 -16.63
CA THR A 32 55.98 11.88 -18.20
CA THR A 33 56.53 11.24 -21.97
CA MET A 34 59.66 11.89 -24.04
CA ALA A 35 59.89 12.46 -27.80
CA LYS A 36 62.45 13.64 -30.45
CA ASP A 37 62.14 16.70 -32.85
CA LYS A 38 59.13 17.48 -30.50
CA PRO A 39 59.24 18.50 -26.66
CA THR A 40 59.32 16.25 -23.54
CA LEU A 41 55.98 16.48 -21.60
CA ASP A 42 54.56 16.12 -18.07
CA ILE A 43 51.00 14.75 -17.69
CA GLU A 44 49.20 15.55 -14.34
CA LEU A 45 45.58 14.41 -13.65
CA LEU A 46 44.06 16.60 -10.94
CA LYS A 47 40.44 17.56 -10.01
CA THR A 48 37.99 14.97 -11.03
CA GLU A 49 34.99 17.24 -10.77
CA VAL A 50 31.53 16.12 -10.35
CA THR A 51 28.76 18.73 -10.68
CA ASN A 52 24.95 18.04 -10.59
CA PRO A 53 24.78 14.64 -8.71
CA ALA A 54 21.35 12.98 -8.35
CA VAL A 55 20.38 12.05 -4.74
CA LEU A 56 18.75 8.68 -4.42
CA ARG A 57 18.27 5.53 -2.27
CA LYS A 58 18.83 6.71 1.16
CA LEU A 59 19.84 4.43 4.07
CA CYS A 60 20.01 5.68 7.71
CA ILE A 61 22.70 5.61 10.41
CA GLU A 62 20.49 6.67 13.37
CA ALA A 63 17.00 5.80 14.23
CA LYS A 64 15.06 6.74 17.36
CA ILE A 65 11.77 5.58 18.90
CA SER A 66 9.20 7.97 20.27
CA ASN A 67 5.65 7.85 21.96
CA THR A 68 5.70 4.07 22.52
CA THR A 69 2.64 1.81 23.23
CA THR A 70 1.56 -1.87 23.53
CA ASP A 71 -1.66 -3.80 24.15
CA SER A 72 -2.66 -7.49 24.57
CA ARG A 73 -5.62 -9.91 24.26
CA CYS A 74 -6.46 -13.16 26.07
CA PRO A 75 -6.22 -16.74 24.70
CA THR A 76 -6.13 -16.95 20.90
CA GLN A 77 -8.50 -13.95 20.46
CA GLY A 78 -6.51 -12.99 17.40
CA GLU A 79 -4.11 -10.02 17.23
CA ALA A 80 -3.93 -7.39 19.98
CA THR A 81 -4.68 -4.64 17.54
CA LEU A 82 -4.06 -0.84 18.05
CA VAL A 83 -5.65 2.45 16.65
CA GLU A 84 -2.21 3.80 15.60
CA GLU A 85 -1.74 0.85 13.23
CA GLN A 86 -3.41 3.20 10.68
CA ASP A 87 0.00 4.98 10.10
CA ALA A 88 2.64 2.73 8.47
CA ASN A 89 5.37 4.93 9.84
CA PHE A 90 5.32 2.69 13.08
CA VAL A 91 7.91 -0.05 13.96
CA CYS A 92 5.97 -2.65 15.96
CA ARG A 93 5.88 -6.54 16.63
CA ARG A 94 3.46 -9.21 17.67
CA THR A 95 4.45 -11.90 20.34
CA PHE A 96 2.68 -14.57 22.46
CA VAL A 97 2.50 -14.19 26.29
CA ASP A 98 0.30 -16.29 28.80
CA ARG A 99 -2.30 -13.70 30.04
CA GLY A 100 -5.43 -14.06 32.21
CA TRP A 101 -7.41 -12.95 35.38
CA GLY A 102 -4.92 -11.42 37.90
CA ASN A 103 -2.81 -10.25 34.91
CA GLY A 104 -5.66 -7.68 34.09
CA CYS A 105 -6.85 -10.03 31.34
CA GLY A 106 -9.28 -13.07 30.78
CA LEU A 107 -8.65 -16.77 30.64
CA PHE A 108 -5.37 -18.28 31.94
CA GLY A 109 -3.19 -19.13 28.99
CA LYS A 110 -1.18 -18.19 25.83
CA GLY A 111 -2.51 -15.00 24.26
CA SER A 112 -1.38 -12.26 22.09
CA LEU A 113 0.53 -9.05 22.79
CA ILE A 114 1.93 -6.36 20.47
CA THR A 115 4.70 -3.72 21.12
CA CYS A 116 4.51 -0.47 19.30
CA ALA A 117 6.77 2.54 18.53
CA LYS A 118 6.31 5.81 16.47
CA PHE A 119 9.42 5.59 14.32
CA LYS A 120 11.92 8.20 13.30
CA CYS A 121 15.14 8.10 11.25
CA VAL A 122 18.00 10.47 12.39
CA THR A 123 21.03 11.40 10.10
CA LYS A 124 20.58 9.39 6.79
CA LEU A 125 23.29 8.51 4.20
CA GLU A 126 21.73 9.78 0.92
CA GLY A 127 23.56 8.31 -2.08
CA LYS A 128 24.29 10.12 -5.19
CA ILE A 129 24.63 9.05 -8.81
CA VAL A 130 25.48 11.45 -11.75
CA GLN A 131 24.72 11.97 -15.52
CA TYR A 132 27.93 11.25 -17.47
CA GLU A 133 27.86 14.63 -19.33
CA ASN A 134 28.22 16.41 -15.90
CA LEU A 135 31.64 14.80 -15.16
CA LYS A 136 34.51 17.21 -15.80
CA TYR A 137 38.18 16.14 -15.36
CA SER A 138 41.19 18.34 -15.26
CA VAL A 139 44.41 17.38 -17.04
CA ILE A 140 47.26 19.66 -16.89
CA VAL A 141 50.07 18.74 -19.36
CA THR A 142 53.30 20.67 -19.51
CA VAL A 143 56.61 21.07 -21.37
CA HIS A 144 59.91 21.02 -19.39
CA THR A 145 62.35 23.94 -20.08
CA GLY A 146 62.74 24.82 -16.38
CA ASP A 147 62.78 28.58 -16.01
CA GLN A 148 61.70 29.33 -12.37
CA HIS A 149 58.90 26.71 -12.35
CA GLN A 150 61.27 23.98 -11.29
CA VAL A 151 60.12 20.67 -9.57
CA GLY A 152 58.00 20.72 -6.35
CA ASN A 153 55.93 23.82 -7.28
CA GLU A 154 52.15 23.04 -8.05
CA SER A 155 50.81 26.66 -7.70
CA THR A 156 52.67 27.68 -10.88
CA GLU A 157 50.92 27.76 -14.28
CA HIS A 158 52.09 24.87 -16.51
CA GLY A 159 51.03 24.22 -20.14
CA THR A 160 47.30 25.00 -20.05
CA THR A 161 44.25 23.52 -18.08
CA ALA A 162 42.48 20.95 -20.25
CA THR A 163 39.08 20.44 -18.62
CA ILE A 164 37.87 17.31 -20.41
CA THR A 165 34.35 15.90 -20.51
CA PRO A 166 32.57 12.95 -21.95
CA GLN A 167 30.37 15.25 -24.00
CA ALA A 168 33.12 15.50 -26.40
CA PRO A 169 36.37 13.54 -25.81
CA THR A 170 38.63 14.88 -28.65
CA THR A 171 40.56 18.15 -27.98
CA GLU A 172 43.44 20.27 -29.21
CA ILE A 173 45.85 21.34 -26.23
CA GLN A 174 47.69 24.66 -27.07
CA LEU A 175 51.14 24.66 -25.53
CA THR A 176 52.79 27.99 -25.73
CA ASP A 177 55.46 28.05 -28.56
CA TYR A 178 55.39 24.18 -28.32
CA GLY A 179 52.37 23.41 -30.59
CA ALA A 180 49.12 21.84 -29.68
CA LEU A 181 48.57 18.17 -28.47
CA THR A 182 45.53 16.24 -30.08
CA LEU A 183 43.80 14.02 -27.46
CA ASP A 184 41.26 11.31 -28.12
CA CYS A 185 39.85 10.37 -24.72
CA SER A 186 37.87 7.23 -23.66
CA PRO A 187 36.33 9.09 -20.66
CA ARG A 188 33.37 6.73 -20.37
CA THR A 189 35.57 3.99 -18.88
CA GLY A 190 37.65 3.64 -15.60
CA LEU A 191 35.04 4.96 -13.14
CA ASP A 192 32.11 3.35 -15.13
CA PHE A 193 29.35 5.88 -14.40
CA ASN A 194 25.85 4.84 -13.24
CA GLU A 195 27.54 1.59 -11.95
CA MET A 196 28.79 3.64 -9.06
CA VAL A 197 27.01 5.06 -5.95
CA LEU A 198 28.57 8.19 -4.51
CA LEU A 199 27.56 7.89 -0.71
CA THR A 200 28.14 9.97 2.32
CA MET A 201 28.65 10.04 6.17
CA LYS A 202 28.74 12.87 8.64
CA GLU A 203 31.04 15.43 6.88
CA LYS A 204 32.64 12.84 4.58
CA SER A 205 31.82 10.84 1.47
CA TRP A 206 32.77 7.66 -0.31
CA LEU A 207 32.56 6.06 -3.96
CA VAL A 208 31.07 2.48 -4.15
CA HIS A 209 29.94 -0.11 -6.75
CA LYS A 210 26.02 -0.10 -7.22
CA GLN A 211 25.43 -3.83 -7.63
CA TRP A 212 26.23 -4.26 -3.97
CA PHE A 213 25.45 -0.99 -2.26
CA LEU A 214 21.94 -0.77 -3.49
CA ASP A 215 20.68 -3.79 -1.68
CA LEU A 216 23.05 -4.15 1.38
CA PRO A 217 21.26 -4.23 4.72
CA LEU A 218 19.59 -1.10 6.47
CA PRO A 219 16.12 0.48 5.87
CA TRP A 220 15.29 2.62 2.75
CA THR A 221 13.74 5.82 1.48
CA SER A 222 13.99 5.58 -2.38
CA GLY A 223 15.09 9.27 -3.28
CA ALA A 224 12.66 12.07 -2.39
CA SER A 225 12.11 11.50 1.43
CA THR A 226 10.70 15.05 1.90
CA SER A 227 7.54 14.66 4.15
CA GLN A 228 6.80 11.00 3.32
CA GLU A 229 9.55 8.92 5.11
CA THR A 230 8.27 5.61 3.64
CA TRP A 231 11.02 3.44 5.19
CA ASN A 232 11.05 0.04 3.62
CA ARG A 233 12.48 -3.00 5.57
CA GLN A 234 12.15 -1.28 8.94
CA ASP A 235 13.52 -4.34 10.90
CA LEU A 236 17.33 -3.61 10.13
CA LEU A 237 17.44 -0.92 12.81
CA VAL A 238 15.44 -1.03 16.09
CA THR A 239 15.24 -4.18 18.29
CA PHE A 240 12.87 -5.67 20.87
CA LYS A 241 13.80 -6.57 24.37
CA THR A 242 11.54 -9.14 26.21
CA ALA A 243 12.83 -9.60 29.76
CA HIS A 244 11.78 -13.21 29.55
CA ALA A 245 7.93 -12.43 28.93
CA LYS A 246 7.84 -9.83 31.78
CA LYS A 247 7.74 -6.34 30.16
CA GLN A 248 8.59 -6.36 26.46
CA GLU A 249 10.14 -2.98 25.16
CA VAL A 250 11.64 -1.47 22.00
CA VAL A 251 15.30 -0.23 21.93
CA VAL A 252 17.10 1.66 19.08
CA LEU A 253 20.39 -0.21 19.06
CA GLY A 254 23.06 2.56 18.48
CA SER A 255 24.62 5.16 16.17
CA GLN A 256 26.24 2.88 13.65
CA GLU A 257 28.99 5.43 12.55
CA GLY A 258 31.77 3.12 13.89
CA ALA A 259 30.71 -0.05 12.25
CA MET A 260 29.54 2.04 9.25
CA HIS A 261 33.13 3.26 8.40
CA THR A 262 34.48 -0.30 9.09
CA ALA A 263 32.02 -1.70 6.38
CA LEU A 264 33.18 0.56 3.52
CA THR A 265 36.77 -0.76 3.58
CA GLY A 266 37.77 -0.96 -0.18
CA ALA A 267 36.00 2.24 -1.13
CA THR A 268 37.93 5.09 -2.72
CA GLU A 269 37.91 8.79 -1.40
CA ILE A 270 35.66 11.35 -2.83
CA GLN A 271 35.23 14.90 -1.79
CA THR A 272 31.98 16.70 -1.68
CA SER A 273 32.37 19.85 0.49
CA GLY A 274 35.86 20.02 -0.68
CA THR A 275 35.15 21.00 -4.38
CA THR A 276 33.41 17.65 -5.23
CA THR A 277 36.40 15.69 -6.63
CA ILE A 278 36.64 11.85 -7.19
CA PHE A 279 40.07 10.55 -6.18
CA ALA A 280 41.23 7.31 -7.81
CA GLY A 281 39.99 8.46 -11.32
CA HIS A 282 41.59 5.83 -13.73
CA LEU A 283 41.64 7.72 -17.08
CA LYS A 284 43.09 6.35 -20.36
CA CYS A 285 43.17 7.68 -24.02
CA ARG A 286 45.07 7.95 -27.19
CA LEU A 287 47.55 10.88 -27.80
CA LYS A 288 47.85 12.19 -31.39
CA MET A 289 51.27 13.90 -31.09
CA ASP A 290 50.85 15.58 -34.47
CA LYS A 291 51.19 19.29 -33.73
CA LEU A 292 54.37 19.71 -31.53
CA THR A 293 57.38 21.98 -31.73
CA LEU A 294 60.41 23.05 -29.71
CA LYS A 295 61.81 26.31 -28.61
CA GLY A 296 65.70 26.36 -28.99
CA MET A 297 65.70 25.05 -32.56
CA SER A 298 67.22 27.31 -35.23
CA TYR A 299 68.67 29.25 -32.17
CA VAL A 300 72.42 28.77 -31.64
CA MET A 301 74.62 27.31 -28.85
CA CYS A 302 75.30 30.73 -27.26
CA THR A 303 78.21 30.02 -24.89
CA GLY A 304 78.97 32.69 -22.23
CA SER A 305 80.13 31.89 -18.72
CA PHE A 306 78.39 29.13 -16.79
CA LYS A 307 77.74 28.42 -13.05
CA LEU A 308 75.62 26.06 -10.83
CA GLU A 309 72.47 26.72 -8.80
CA LYS A 310 71.29 23.27 -7.61
CA GLU A 311 72.63 19.87 -6.75
CA VAL A 312 71.58 16.33 -7.70
CA ALA A 313 69.23 14.00 -5.80
CA GLU A 314 66.91 11.10 -7.04
CA THR A 315 64.21 8.56 -6.02
CA GLN A 316 62.87 7.10 -9.20
CA HIS A 317 66.32 6.44 -10.49
CA GLY A 318 67.70 8.50 -13.25
CA THR A 319 65.94 11.64 -11.96
CA VAL A 320 68.99 13.82 -11.97
CA LEU A 321 68.11 17.49 -11.01
CA VAL A 322 70.54 20.26 -12.06
CA GLN A 323 70.28 24.04 -12.28
CA ILE A 324 72.87 26.40 -13.70
CA LYS A 325 73.44 30.17 -14.05
CA TYR A 326 74.63 32.10 -17.01
CA GLU A 327 75.94 35.47 -17.95
CA GLY A 328 77.35 37.26 -21.09
CA THR A 329 75.35 35.81 -23.97
CA ASP A 330 71.72 36.76 -24.61
CA ALA A 331 68.43 35.75 -26.26
CA PRO A 332 66.65 32.30 -26.08
CA CYS A 333 69.86 30.56 -27.06
CA LYS A 334 70.51 26.83 -26.62
CA ILE A 335 72.64 25.62 -23.60
CA PRO A 336 75.17 22.82 -24.11
CA PHE A 337 75.18 19.53 -21.98
CA SER A 338 75.87 15.88 -22.52
CA THR A 339 75.79 12.43 -20.70
CA GLN A 340 78.91 10.16 -20.85
CA ASP A 341 80.16 6.91 -19.34
CA GLU A 342 83.89 6.48 -18.31
CA LYS A 343 85.21 9.19 -20.64
CA GLY A 344 83.34 7.85 -23.78
CA VAL A 345 82.05 10.90 -25.71
CA THR A 346 78.66 9.32 -26.64
CA GLN A 347 75.37 10.63 -25.21
CA ASN A 348 74.48 7.28 -23.54
CA GLY A 349 71.66 8.68 -21.53
CA ARG A 350 68.57 10.66 -22.36
CA LEU A 351 67.78 14.34 -21.74
CA ILE A 352 64.43 14.86 -19.81
CA THR A 353 64.50 18.57 -20.63
CA ALA A 354 65.22 18.32 -24.42
CA ASN A 355 67.36 21.50 -24.17
CA PRO A 356 66.74 23.97 -21.37
CA ILE A 357 66.85 27.36 -23.52
CA VAL A 358 68.31 30.66 -22.12
CA THR A 359 65.68 33.01 -20.55
CA ASP A 360 66.51 36.15 -18.34
CA LYS A 361 69.94 34.69 -17.05
CA GLU A 362 69.07 35.93 -13.50
CA LYS A 363 67.08 32.67 -13.26
CA PRO A 364 68.31 29.06 -12.88
CA VAL A 365 66.45 27.20 -15.62
CA ASN A 366 66.40 23.51 -14.74
CA ILE A 367 68.29 20.93 -16.69
CA GLU A 368 66.88 17.53 -16.02
CA ALA A 369 68.63 14.48 -17.60
CA GLU A 370 68.78 10.73 -17.37
CA PRO A 371 72.40 9.47 -17.46
CA PRO A 372 73.12 5.70 -17.05
CA PHE A 373 72.65 5.01 -13.43
CA GLY A 374 76.26 3.96 -12.53
CA GLU A 375 79.79 5.10 -13.39
CA SER A 376 78.30 8.22 -15.38
CA TYR A 377 79.42 11.86 -15.92
CA ILE A 378 77.11 14.74 -17.11
CA VAL A 379 79.52 17.26 -18.90
CA ILE A 380 78.52 20.75 -20.09
CA GLY A 381 80.85 20.71 -23.27
CA ALA A 382 81.00 24.46 -22.87
CA GLY A 383 83.61 26.88 -24.17
CA GLU A 384 86.14 26.16 -21.45
CA LYS A 385 84.21 22.83 -21.15
CA ALA A 386 83.04 23.82 -17.74
CA LEU A 387 81.46 21.40 -15.30
CA LYS A 388 81.92 17.61 -15.46
CA LEU A 389 80.10 15.85 -12.63
CA SER A 390 80.55 12.15 -11.49
CA TRP A 391 77.76 9.99 -10.05
CA PHE A 392 78.76 6.46 -8.97
CA LYS A 393 76.34 4.45 -7.97
CA LYS A 394 76.07 0.80 -8.92
CA GLY A 395 73.30 -0.26 -11.46
CA SER A 396 72.98 -1.45 -15.15
CA SER A 397 70.25 -1.52 -17.94
CA ILE A 398 69.60 -5.13 -17.02
CA GLY A 399 68.91 -4.39 -13.27
CA LYS A 400 66.67 -1.60 -14.51
CA MET A 401 64.76 -3.87 -17.02
CA PHE A 402 64.18 -6.30 -14.08
CA GLU A 403 62.61 -3.68 -11.82
CA ALA A 404 60.69 -2.44 -14.91
CA THR A 405 59.21 -5.97 -15.77
CA ALA A 406 58.03 -6.21 -12.18
CA ARG A 407 56.62 -2.60 -11.98
CA GLY A 408 54.79 -3.05 -15.32
CA ALA A 409 53.35 -6.46 -14.32
CA ARG A 410 51.93 -4.85 -11.03
CA ARG A 411 50.18 -2.09 -12.95
CA MET A 412 48.62 -4.63 -15.43
CA ALA A 413 45.41 -6.09 -13.65
CA ILE A 414 44.52 -2.63 -12.49
CA LEU A 415 44.29 -1.14 -15.95
CA GLY A 416 42.62 -4.01 -17.97
CA ASP A 417 42.58 -3.75 -21.81
CA THR A 418 44.64 -0.47 -21.66
CA ALA A 419 47.48 -2.05 -19.64
CA TRP A 420 49.08 -2.81 -23.05
CA ASP A 421 49.46 0.97 -23.69
CA PHE A 422 52.92 0.68 -22.04
CA GLY A 423 53.99 -0.94 -25.26
CA SER A 424 51.74 1.93 -26.99
CA ILE A 425 49.84 1.50 -30.34
CA GLY A 426 49.52 -1.78 -32.44
CA GLY A 427 52.58 -3.76 -33.35
CA VAL A 428 50.86 -7.21 -33.52
CA PHE A 429 52.06 -7.65 -29.82
CA THR A 430 50.02 -4.98 -27.89
CA SER A 431 47.09 -5.03 -30.37
CA VAL A 432 46.50 -8.71 -29.96
CA GLY A 433 47.34 -8.29 -26.26
CA LYS A 434 44.44 -5.68 -26.01
CA LEU A 435 42.18 -8.00 -28.18
CA VAL A 436 42.77 -11.05 -26.04
CA HIS A 437 42.48 -8.86 -22.85
CA GLN A 438 38.93 -7.87 -23.70
CA ILE A 439 37.51 -11.36 -23.06
CA PHE A 440 40.17 -12.13 -20.33
CA GLY A 441 39.19 -8.86 -18.53
CA THR A 442 35.43 -8.52 -19.11
CA ALA A 443 35.18 -12.14 -17.96
CA TYR A 444 37.78 -14.68 -16.70
CA GLY A 445 40.41 -12.47 -14.81
CA VAL A 446 37.77 -10.18 -13.18
CA LEU A 447 35.29 -12.84 -12.16
CA PHE A 448 37.01 -12.68 -8.85
CA SER A 449 35.00 -9.62 -7.74
CA GLY A 450 33.98 -9.23 -3.99
CA VAL A 451 36.83 -11.46 -2.74
CA SER A 452 39.30 -9.66 -0.30
CA TRP A 453 43.17 -9.73 0.15
CA THR A 454 43.63 -12.89 2.32
CA MET A 455 40.96 -14.99 0.54
CA LYS A 456 42.46 -14.16 -2.91
CA ILE A 457 45.99 -15.40 -1.83
CA GLY A 458 44.19 -18.42 -0.20
CA ILE A 459 42.44 -19.39 -3.51
CA GLY A 460 45.89 -18.81 -5.14
CA VAL A 461 47.51 -21.55 -3.02
CA LEU A 462 44.52 -23.94 -3.55
CA LEU A 463 44.93 -23.55 -7.36
CA THR A 464 48.71 -23.99 -7.45
CA TRP A 465 48.14 -27.27 -5.51
CA LEU A 466 45.24 -28.26 -7.85
CA GLY A 467 47.77 -28.09 -10.64
CA LEU A 468 50.94 -29.79 -9.73
CA ASN A 469 50.14 -33.62 -9.95
CA SER A 470 46.99 -33.46 -12.12
CA ARG A 471 46.09 -35.00 -15.56
CA SER A 472 48.94 -35.39 -18.16
CA THR A 473 48.56 -32.83 -20.95
CA SER A 474 45.93 -30.62 -19.40
CA LEU A 475 48.14 -29.87 -16.36
CA SER A 476 50.01 -27.31 -18.58
CA MET A 477 46.93 -25.11 -18.97
CA THR A 478 46.05 -25.35 -15.28
CA CYS A 479 49.55 -24.28 -14.17
CA ILE A 480 49.73 -21.33 -16.65
CA ALA A 481 46.17 -20.11 -15.58
CA VAL A 482 47.56 -19.61 -11.95
CA GLY A 483 51.04 -18.25 -12.57
CA LEU A 484 51.50 -14.48 -13.33
CA VAL A 485 47.76 -13.80 -13.09
CA THR A 486 46.00 -15.09 -9.90
CA LEU A 487 49.29 -14.98 -7.84
CA TYR A 488 50.39 -11.37 -8.88
CA LEU A 489 46.78 -10.11 -8.58
CA GLY A 490 45.96 -11.40 -5.09
CA VAL A 491 49.36 -10.55 -3.51
CA MET A 492 50.54 -7.33 -5.18
CA VAL A 493 47.36 -5.45 -6.32
CA GLN A 494 46.40 -4.38 -2.80
CA ALA A 495 45.10 -0.81 -2.39
CA SER B 1 28.13 -5.11 5.56
CA VAL B 2 27.63 -3.91 9.20
CA ALA B 3 28.75 -7.29 10.36
CA LEU B 4 29.37 -10.12 7.63
CA ALA B 5 30.62 -9.74 3.95
CA PRO B 6 33.08 -6.78 4.25
CA HIS B 7 33.44 -4.88 1.05
CA VAL B 8 36.92 -4.81 -0.65
CA GLY B 9 36.86 -6.42 -4.20
CA LEU B 10 34.78 -3.68 -5.76
CA GLY B 11 36.85 -2.97 -9.00
CA LEU B 12 38.55 0.05 -7.33
CA GLU B 13 42.06 -1.42 -6.61
CA THR B 14 44.72 0.75 -8.10
CA ARG B 15 47.76 2.66 -6.79
CA THR B 16 45.31 5.14 -5.27
CA GLU B 17 44.88 3.96 -1.65
CA THR B 18 41.41 3.09 -0.52
CA TRP B 19 39.63 4.68 2.53
CA MET B 20 40.55 1.91 5.02
CA SER B 21 43.66 0.89 3.13
CA SER B 22 46.12 0.14 5.94
CA GLU B 23 43.31 -0.31 8.42
CA GLY B 24 40.94 -2.87 6.77
CA ALA B 25 43.61 -4.94 5.30
CA TRP B 26 45.09 -5.49 8.73
CA LYS B 27 41.78 -5.69 10.65
CA GLN B 28 40.87 -8.93 8.67
CA ILE B 29 44.14 -10.85 9.74
CA GLN B 30 43.74 -9.16 13.23
CA LYS B 31 40.35 -10.87 13.67
CA VAL B 32 41.78 -14.31 12.80
CA GLU B 33 44.60 -13.67 15.36
CA THR B 34 42.35 -12.39 18.13
CA TRP B 35 40.22 -15.63 17.52
CA ALA B 36 43.19 -18.08 17.21
CA LEU B 37 44.51 -16.82 20.62
CA GLY B 38 40.98 -16.34 22.13
CA HIS B 39 39.47 -19.91 22.31
CA PRO B 40 40.73 -23.59 22.07
CA GLY B 41 37.44 -25.17 20.77
CA PHE B 42 37.90 -24.59 17.07
CA THR B 43 41.40 -26.21 17.27
CA VAL B 44 39.93 -29.31 18.71
CA ILE B 45 36.90 -29.27 16.32
CA ALA B 46 39.23 -28.73 13.20
CA LEU B 47 41.64 -31.62 13.92
CA PHE B 48 38.88 -33.96 14.73
CA LEU B 49 36.54 -33.48 11.70
CA ALA B 50 39.86 -33.31 9.72
CA HIS B 51 41.33 -36.59 11.22
CA ALA B 52 38.41 -38.74 10.23
CA ILE B 53 37.60 -37.33 6.77
CA GLY B 54 39.22 -39.38 3.96
CA THR B 55 42.81 -39.99 5.25
CA SER B 56 45.03 -38.92 2.27
CA ILE B 57 46.68 -36.43 4.67
CA THR B 58 46.13 -33.57 2.24
CA GLN B 59 42.34 -33.95 2.94
CA LYS B 60 42.81 -33.50 6.73
CA GLY B 61 45.29 -30.61 6.12
CA ILE B 62 42.66 -28.82 3.86
CA ILE B 63 39.97 -29.10 6.54
CA PHE B 64 42.42 -27.52 8.98
CA ILE B 65 42.87 -24.37 6.90
CA LEU B 66 39.16 -24.25 6.21
CA LEU B 67 37.59 -24.97 9.68
CA MET B 68 40.07 -22.53 11.42
CA LEU B 69 39.37 -19.71 8.90
CA VAL B 70 35.48 -20.33 8.96
CA THR B 71 35.14 -18.85 12.60
CA PRO B 72 33.07 -15.62 12.53
CA MET C 1 -44.07 -42.51 19.65
CA ARG C 2 -43.05 -38.89 19.00
CA CYS C 3 -39.95 -40.03 17.11
CA VAL C 4 -41.59 -40.32 13.55
CA GLY C 5 -42.68 -37.63 10.92
CA ILE C 6 -38.96 -37.18 10.34
CA SER C 7 -38.10 -40.97 9.62
CA ASN C 8 -34.69 -42.05 10.92
CA ARG C 9 -34.85 -43.15 14.57
CA ASP C 10 -32.84 -45.75 16.50
CA PHE C 11 -34.16 -48.37 18.94
CA VAL C 12 -32.40 -49.37 22.17
CA GLU C 13 -33.04 -52.21 24.66
CA GLY C 14 -31.48 -51.71 28.12
CA LEU C 15 -31.33 -51.18 31.74
CA SER C 16 -27.91 -52.87 31.39
CA ALA C 17 -25.99 -54.12 34.40
CA THR C 18 -29.16 -52.91 36.16
CA GLY C 19 -27.95 -49.32 36.13
CA TRP C 20 -26.72 -47.80 32.89
CA VAL C 21 -27.29 -47.22 29.05
CA ASP C 22 -24.61 -45.83 26.69
CA VAL C 23 -26.81 -43.56 24.30
CA VAL C 24 -26.15 -40.62 21.85
CA LEU C 25 -28.22 -37.87 20.30
CA GLU C 26 -27.32 -36.24 16.86
CA HIS C 27 -30.56 -34.13 16.49
CA GLY C 28 -32.81 -36.23 14.20
CA SER C 29 -31.24 -39.56 15.16
CA CYS C 30 -33.85 -39.78 17.95
CA VAL C 31 -33.92 -42.70 20.23
CA THR C 32 -36.93 -44.82 21.38
CA THR C 33 -35.98 -46.90 24.45
CA MET C 34 -36.67 -49.35 27.24
CA ALA C 35 -36.35 -53.06 28.40
CA LYS C 36 -38.66 -53.89 31.47
CA ASP C 37 -41.45 -51.41 32.56
CA LYS C 38 -40.90 -47.77 33.77
CA PRO C 39 -42.17 -44.85 31.40
CA THR C 40 -40.97 -46.04 27.96
CA LEU C 41 -39.18 -43.12 26.28
CA ASP C 42 -38.77 -40.86 23.15
CA ILE C 43 -35.37 -38.94 23.40
CA GLU C 44 -34.62 -35.94 21.17
CA LEU C 45 -32.13 -32.86 20.86
CA LEU C 46 -33.45 -29.38 20.08
CA LYS C 47 -31.38 -26.24 20.10
CA THR C 48 -27.82 -25.57 21.14
CA GLU C 49 -27.55 -22.07 22.49
CA VAL C 50 -24.32 -20.16 22.01
CA THR C 51 -24.26 -17.26 24.51
CA ASN C 52 -22.15 -14.00 23.75
CA PRO C 53 -19.07 -15.65 22.03
CA ALA C 54 -15.61 -14.04 21.22
CA VAL C 55 -15.02 -12.42 17.86
CA LEU C 56 -11.98 -13.33 15.79
CA ARG C 57 -10.43 -10.66 13.46
CA LYS C 58 -13.38 -9.93 11.08
CA LEU C 59 -13.86 -10.43 7.23
CA CYS C 60 -15.76 -8.68 4.27
CA ILE C 61 -17.26 -9.99 1.01
CA GLU C 62 -18.08 -6.89 -1.07
CA ALA C 63 -14.79 -5.00 -1.36
CA LYS C 64 -14.36 -1.65 -3.15
CA ILE C 65 -11.50 0.71 -4.26
CA SER C 66 -11.45 4.49 -4.34
CA ASN C 67 -9.40 7.60 -5.11
CA THR C 68 -6.80 5.59 -7.24
CA THR C 69 -3.66 7.82 -7.47
CA THR C 70 -0.38 6.99 -9.28
CA ASP C 71 3.13 8.48 -9.23
CA SER C 72 6.41 7.70 -11.05
CA ARG C 73 10.14 7.93 -11.39
CA CYS C 74 12.33 8.10 -14.45
CA PRO C 75 14.84 5.22 -15.44
CA THR C 76 17.56 4.31 -12.61
CA GLN C 77 15.92 6.72 -10.08
CA GLY C 78 14.50 3.73 -8.11
CA GLU C 79 10.88 3.06 -6.92
CA ALA C 80 8.26 5.81 -6.72
CA THR C 81 7.04 7.14 -3.33
CA LEU C 82 3.67 8.67 -2.24
CA VAL C 83 2.36 10.75 0.79
CA GLU C 84 -0.72 8.36 0.89
CA GLU C 85 1.77 5.31 1.68
CA GLN C 86 1.57 6.36 5.35
CA ASP C 87 -2.12 5.25 5.47
CA ALA C 88 -2.32 1.38 5.81
CA ASN C 89 -5.84 1.61 4.31
CA PHE C 90 -4.36 1.44 0.80
CA VAL C 91 -3.47 -1.10 -1.77
CA CYS C 92 -0.01 -0.11 -3.08
CA ARG C 93 2.23 -1.74 -5.79
CA ARG C 94 5.46 -0.22 -7.22
CA THR C 95 6.18 -1.34 -10.82
CA PHE C 96 8.34 -0.67 -13.87
CA VAL C 97 7.36 1.20 -17.21
CA ASP C 98 9.24 2.04 -20.47
CA ARG C 99 10.33 5.60 -21.18
CA GLY C 100 12.45 7.74 -23.45
CA TRP C 101 13.59 11.23 -24.52
CA GLY C 102 9.76 11.68 -25.21
CA ASN C 103 8.92 11.46 -21.50
CA GLY C 104 12.03 13.83 -21.14
CA CYS C 105 14.77 11.37 -20.22
CA GLY C 106 18.05 9.75 -21.68
CA LEU C 107 18.27 6.75 -19.42
CA PHE C 108 15.45 4.88 -21.27
CA GLY C 109 15.15 1.24 -19.91
CA LYS C 110 12.19 0.65 -17.68
CA GLY C 111 11.84 3.23 -14.78
CA SER C 112 9.39 3.23 -11.93
CA LEU C 113 5.63 3.80 -11.51
CA ILE C 114 3.42 3.21 -8.45
CA THR C 115 -0.24 2.73 -7.89
CA CYS C 116 -2.11 3.67 -4.73
CA ALA C 117 -5.80 2.86 -4.08
CA LYS C 118 -7.98 3.37 -1.01
CA PHE C 119 -9.69 0.18 0.21
CA LYS C 120 -13.23 -0.02 1.70
CA CYS C 121 -15.73 -2.86 2.13
CA VAL C 122 -19.46 -3.65 2.68
CA THR C 123 -20.99 -6.70 4.47
CA LYS C 124 -18.86 -8.46 7.04
CA LEU C 125 -18.57 -12.14 7.84
CA GLU C 126 -17.39 -11.76 11.47
CA GLY C 127 -16.24 -15.21 12.69
CA LYS C 128 -16.87 -16.14 16.43
CA ILE C 129 -15.03 -18.83 18.50
CA VAL C 130 -17.50 -21.22 20.24
CA GLN C 131 -15.97 -21.57 23.75
CA TYR C 132 -16.66 -24.44 26.22
CA GLU C 133 -18.80 -22.76 28.95
CA ASN C 134 -20.98 -20.87 26.53
CA LEU C 135 -22.71 -23.63 24.55
CA LYS C 136 -25.90 -24.63 26.38
CA TYR C 137 -27.91 -27.71 25.03
CA SER C 138 -31.65 -28.38 25.37
CA VAL C 139 -32.70 -32.04 25.43
CA ILE C 140 -36.30 -33.27 25.11
CA VAL C 141 -37.63 -36.57 26.61
CA THR C 142 -41.30 -37.89 26.42
CA VAL C 143 -43.35 -40.91 27.29
CA HIS C 144 -44.93 -43.28 24.72
CA THR C 145 -48.72 -42.75 25.69
CA GLY C 146 -49.75 -40.43 22.84
CA ASP C 147 -52.37 -38.68 24.96
CA GLN C 148 -52.99 -34.97 24.32
CA HIS C 149 -49.27 -34.15 23.43
CA GLN C 150 -49.80 -36.50 20.52
CA VAL C 151 -47.63 -38.01 17.81
CA GLY C 152 -44.56 -35.92 16.68
CA ASN C 153 -45.59 -32.68 18.64
CA GLU C 154 -42.47 -30.54 19.23
CA SER C 155 -44.28 -27.90 21.30
CA THR C 156 -44.39 -26.90 25.07
CA GLU C 157 -43.78 -29.16 28.01
CA HIS C 158 -43.88 -32.61 26.42
CA GLY C 159 -42.01 -35.05 28.80
CA THR C 160 -40.78 -32.04 30.69
CA THR C 161 -37.83 -30.93 28.83
CA ALA C 162 -34.49 -29.68 30.12
CA THR C 163 -31.28 -27.74 29.53
CA ILE C 164 -27.92 -29.28 29.91
CA THR C 165 -25.19 -26.75 30.08
CA PRO C 166 -21.55 -27.55 29.32
CA GLN C 167 -20.61 -26.70 32.86
CA ALA C 168 -23.05 -29.04 34.57
CA PRO C 169 -23.21 -32.51 32.84
CA THR C 170 -25.65 -34.42 35.26
CA THR C 171 -29.30 -33.88 34.09
CA GLU C 172 -31.80 -35.48 36.52
CA ILE C 173 -34.76 -35.22 34.10
CA GLN C 174 -38.13 -34.94 35.83
CA LEU C 175 -40.89 -36.94 34.11
CA THR C 176 -44.46 -36.31 35.12
CA ASP C 177 -45.71 -38.98 37.69
CA TYR C 178 -42.85 -41.40 37.01
CA GLY C 179 -40.07 -39.46 38.79
CA ALA C 180 -36.50 -38.44 37.81
CA LEU C 181 -34.11 -40.40 35.55
CA THR C 182 -30.47 -39.25 35.86
CA LEU C 183 -28.07 -38.90 32.81
CA ASP C 184 -24.41 -37.77 32.80
CA CYS C 185 -24.11 -36.07 29.41
CA SER C 186 -20.87 -34.78 27.78
CA PRO C 187 -21.90 -31.84 25.43
CA ARG C 188 -18.28 -30.73 25.24
CA THR C 189 -17.38 -33.64 22.81
CA GLY C 190 -20.30 -32.74 20.51
CA LEU C 191 -17.62 -31.66 18.03
CA ASP C 192 -14.63 -30.05 19.74
CA PHE C 193 -15.51 -26.54 20.63
CA ASN C 194 -12.46 -24.08 20.21
CA GLU C 195 -11.42 -26.12 17.22
CA MET C 196 -14.38 -24.79 15.31
CA VAL C 197 -15.04 -21.18 14.11
CA LEU C 198 -18.58 -19.91 13.55
CA LEU C 199 -18.90 -17.62 10.42
CA THR C 200 -21.76 -15.45 8.89
CA MET C 201 -22.56 -14.79 5.38
CA LYS C 202 -25.31 -12.15 5.11
CA GLU C 203 -28.28 -14.52 5.24
CA LYS C 204 -26.38 -17.89 5.08
CA SER C 205 -23.72 -19.18 7.61
CA TRP C 206 -20.96 -21.82 8.07
CA LEU C 207 -18.87 -23.70 10.74
CA VAL C 208 -15.29 -23.69 9.46
CA HIS C 209 -12.58 -25.39 11.40
CA LYS C 210 -9.87 -23.40 13.23
CA GLN C 211 -6.59 -23.98 11.15
CA TRP C 212 -8.46 -23.58 7.83
CA PHE C 213 -10.06 -20.28 8.96
CA LEU C 214 -6.58 -19.21 10.24
CA ASP C 215 -4.99 -20.09 6.83
CA LEU C 216 -7.63 -18.16 4.57
CA PRO C 217 -6.04 -15.68 2.14
CA LEU C 218 -8.28 -12.70 2.59
CA PRO C 219 -7.35 -9.46 4.47
CA TRP C 220 -8.15 -9.05 8.13
CA THR C 221 -9.32 -6.16 10.14
CA SER C 222 -8.57 -5.34 13.79
CA GLY C 223 -11.41 -7.41 15.27
CA ALA C 224 -12.59 -4.61 17.34
CA SER C 225 -14.90 -1.53 16.35
CA THR C 226 -12.54 1.33 17.35
CA SER C 227 -12.45 3.58 14.16
CA GLN C 228 -11.35 0.52 11.94
CA GLU C 229 -9.94 0.15 8.33
CA THR C 230 -6.57 -1.34 9.27
CA TRP C 231 -6.78 -3.90 6.59
CA ASN C 232 -4.03 -6.52 6.68
CA ARG C 233 -2.61 -8.39 3.69
CA GLN C 234 -4.81 -6.51 1.05
CA ASP C 235 -2.57 -7.88 -1.80
CA LEU C 236 -4.70 -11.09 -1.34
CA LEU C 237 -7.47 -9.12 -3.00
CA VAL C 238 -7.22 -6.49 -5.90
CA THR C 239 -5.58 -7.25 -9.28
CA PHE C 240 -3.28 -5.50 -11.56
CA LYS C 241 -3.86 -5.01 -15.29
CA THR C 242 -0.37 -4.12 -16.68
CA ALA C 243 -1.66 -4.60 -20.30
CA HIS C 244 1.70 -3.94 -22.06
CA ALA C 245 4.67 -1.52 -21.46
CA LYS C 246 2.82 1.64 -20.47
CA LYS C 247 -0.31 2.54 -18.34
CA GLN C 248 -0.75 -0.06 -15.57
CA GLU C 249 -4.03 0.11 -13.74
CA VAL C 250 -5.85 -1.68 -10.81
CA VAL C 251 -9.03 -3.90 -10.82
CA VAL C 252 -11.00 -4.27 -7.58
CA LEU C 253 -12.44 -7.82 -8.13
CA GLY C 254 -15.69 -6.80 -6.51
CA SER C 255 -18.24 -9.17 -4.88
CA GLN C 256 -16.71 -12.43 -3.88
CA GLU C 257 -19.96 -14.31 -2.98
CA GLY C 258 -20.07 -17.65 -5.04
CA ALA C 259 -16.37 -18.20 -4.53
CA MET C 260 -16.53 -18.34 -0.71
CA HIS C 261 -19.75 -20.52 -0.80
CA THR C 262 -18.42 -23.13 -3.32
CA ALA C 263 -15.01 -23.22 -1.82
CA LEU C 264 -16.33 -25.01 1.31
CA THR C 265 -18.43 -27.81 0.22
CA GLY C 266 -18.01 -29.64 3.54
CA ALA C 267 -19.03 -27.01 6.02
CA THR C 268 -22.08 -27.31 8.30
CA GLU C 269 -24.40 -24.27 8.56
CA ILE C 270 -25.68 -22.69 11.76
CA GLN C 271 -29.22 -21.22 12.39
CA THR C 272 -28.55 -17.45 12.83
CA SER C 273 -32.12 -16.84 13.68
CA GLY C 274 -31.81 -18.09 17.36
CA THR C 275 -28.75 -15.71 17.62
CA THR C 276 -26.55 -18.79 17.20
CA THR C 277 -28.29 -22.27 17.41
CA ILE C 278 -26.12 -25.10 16.03
CA PHE C 279 -27.37 -28.20 14.25
CA ALA C 280 -24.96 -31.03 13.05
CA GLY C 281 -23.70 -31.54 16.62
CA HIS C 282 -24.26 -34.27 19.12
CA LEU C 283 -24.92 -34.96 22.76
CA LYS C 284 -23.44 -38.10 24.32
CA CYS C 285 -24.97 -39.44 27.60
CA ARG C 286 -24.68 -42.49 29.80
CA LEU C 287 -28.17 -42.95 31.43
CA LYS C 288 -28.58 -44.05 35.03
CA MET C 289 -31.86 -45.73 35.60
CA ASP C 290 -34.64 -45.95 38.21
CA LYS C 291 -36.32 -43.61 40.49
CA LEU C 292 -39.24 -44.08 38.16
CA THR C 293 -42.73 -45.47 39.26
CA LEU C 294 -44.20 -48.43 37.36
CA LYS C 295 -47.25 -46.13 37.42
CA GLY C 296 -50.05 -48.36 35.90
CA MET C 297 -48.83 -50.70 38.66
CA SER C 298 -51.46 -52.66 40.61
CA TYR C 299 -54.29 -51.30 38.42
CA VAL C 300 -55.54 -54.63 36.93
CA MET C 301 -55.93 -55.31 33.19
CA CYS C 302 -58.95 -53.18 32.68
CA THR C 303 -62.65 -53.70 32.21
CA GLY C 304 -65.01 -52.41 29.50
CA SER C 305 -64.20 -52.09 25.81
CA PHE C 306 -61.68 -50.15 23.93
CA LYS C 307 -62.21 -48.94 20.38
CA LEU C 308 -59.16 -48.98 18.08
CA GLU C 309 -58.83 -46.10 15.44
CA LYS C 310 -56.30 -46.30 12.46
CA GLU C 311 -53.99 -49.05 11.36
CA VAL C 312 -50.70 -50.97 10.87
CA ALA C 313 -47.58 -49.80 8.93
CA GLU C 314 -44.00 -51.29 8.75
CA THR C 315 -42.42 -47.90 9.85
CA GLN C 316 -38.80 -48.46 10.77
CA HIS C 317 -38.51 -51.93 12.38
CA GLY C 318 -42.18 -52.75 11.86
CA THR C 319 -43.81 -50.67 14.65
CA VAL C 320 -47.57 -50.18 15.13
CA LEU C 321 -49.77 -47.42 16.48
CA VAL C 322 -53.63 -47.32 16.84
CA GLN C 323 -55.63 -44.80 18.88
CA ILE C 324 -57.60 -46.13 21.81
CA LYS C 325 -61.05 -44.69 22.64
CA TYR C 326 -61.92 -46.39 25.91
CA GLU C 327 -65.62 -47.14 26.72
CA GLY C 328 -66.77 -48.14 30.19
CA THR C 329 -63.22 -48.61 31.57
CA ASP C 330 -63.09 -47.11 35.06
CA ALA C 331 -60.11 -44.80 35.58
CA PRO C 332 -56.29 -45.83 35.03
CA CYS C 333 -55.55 -49.42 34.34
CA LYS C 334 -52.99 -51.60 32.51
CA ILE C 335 -54.08 -52.30 28.91
CA PRO C 336 -54.05 -56.06 28.33
CA PHE C 337 -52.33 -55.93 25.00
CA SER C 338 -51.02 -58.92 23.12
CA THR C 339 -49.44 -59.48 19.67
CA GLN C 340 -49.30 -63.07 18.38
CA ASP C 341 -48.18 -65.51 15.81
CA GLU C 342 -50.05 -67.00 12.75
CA LYS C 343 -52.97 -68.34 14.77
CA GLY C 344 -50.75 -69.32 17.78
CA VAL C 345 -50.70 -67.82 21.37
CA THR C 346 -46.87 -68.19 21.11
CA GLN C 347 -46.35 -64.37 21.16
CA ASN C 348 -42.83 -63.69 19.73
CA GLY C 349 -43.33 -59.78 19.43
CA ARG C 350 -41.11 -57.20 21.13
CA LEU C 351 -42.94 -54.42 23.08
CA ILE C 352 -41.55 -51.00 22.98
CA THR C 353 -44.21 -49.64 25.29
CA ALA C 354 -43.30 -52.10 28.01
CA ASN C 355 -45.69 -50.17 30.29
CA PRO C 356 -49.12 -49.83 28.50
CA ILE C 357 -51.37 -47.64 30.82
CA VAL C 358 -54.94 -46.20 30.41
CA THR C 359 -54.89 -42.42 31.21
CA ASP C 360 -58.39 -41.11 30.44
CA LYS C 361 -61.37 -42.54 28.64
CA GLU C 362 -62.04 -39.88 25.93
CA LYS C 363 -58.57 -39.49 24.70
CA PRO C 364 -56.72 -40.93 21.61
CA VAL C 365 -54.37 -43.12 23.79
CA ASN C 366 -51.61 -44.83 21.66
CA ILE C 367 -48.97 -47.55 22.14
CA GLU C 368 -45.91 -48.82 20.13
CA ALA C 369 -45.02 -52.54 19.47
CA GLU C 370 -42.91 -54.48 16.82
CA PRO C 371 -45.14 -57.47 15.66
CA PRO C 372 -42.72 -59.85 13.99
CA PHE C 373 -42.55 -61.58 10.61
CA GLY C 374 -45.66 -63.73 9.55
CA GLU C 375 -49.36 -62.83 9.49
CA SER C 376 -49.43 -61.68 13.11
CA TYR C 377 -52.57 -61.18 15.13
CA ILE C 378 -52.82 -58.18 17.35
CA VAL C 379 -55.49 -58.45 20.12
CA ILE C 380 -56.72 -56.33 23.01
CA GLY C 381 -59.38 -57.32 25.64
CA ALA C 382 -60.42 -57.56 29.27
CA GLY C 383 -63.02 -60.12 30.37
CA GLU C 384 -65.70 -59.98 27.57
CA LYS C 385 -63.31 -61.68 24.98
CA ALA C 386 -63.29 -58.68 22.57
CA LEU C 387 -61.02 -57.62 19.70
CA LYS C 388 -58.40 -59.28 17.39
CA LEU C 389 -56.76 -57.90 14.26
CA SER C 390 -54.65 -59.89 11.51
CA TRP C 391 -51.58 -58.28 9.87
CA PHE C 392 -50.28 -59.92 6.81
CA LYS C 393 -47.00 -58.25 7.15
CA LYS C 394 -44.55 -58.20 4.07
CA GLY C 395 -40.75 -57.60 4.38
CA SER C 396 -40.77 -58.16 8.22
CA SER C 397 -36.97 -61.86 9.74
CA ILE C 398 -33.31 -61.77 8.35
CA GLY C 399 -33.90 -58.36 6.59
CA LYS C 400 -33.86 -56.32 9.75
CA MET C 401 -30.86 -58.21 11.23
CA PHE C 402 -28.98 -56.97 8.17
CA GLU C 403 -30.65 -53.55 8.06
CA ALA C 404 -29.55 -52.77 11.74
CA THR C 405 -25.91 -53.93 11.16
CA ALA C 406 -25.79 -51.44 8.19
CA ARG C 407 -27.42 -48.73 10.51
CA GLY C 408 -24.68 -49.41 13.12
CA ALA C 409 -21.64 -49.55 10.73
CA ARG C 410 -22.67 -46.17 9.23
CA ARG C 411 -22.81 -44.71 12.68
CA MET C 412 -19.28 -46.20 13.53
CA ALA C 413 -17.93 -44.89 10.22
CA ILE C 414 -18.93 -41.22 10.58
CA LEU C 415 -18.41 -39.95 14.25
CA GLY C 416 -15.66 -42.45 15.10
CA ASP C 417 -15.17 -44.81 18.03
CA THR C 418 -17.53 -42.58 20.31
CA ALA C 419 -20.35 -44.07 18.05
CA TRP C 420 -19.94 -47.28 20.18
CA ASP C 421 -21.70 -45.16 22.91
CA PHE C 422 -24.93 -46.04 21.00
CA GLY C 423 -24.35 -49.81 21.30
CA SER C 424 -26.31 -50.10 24.60
CA ILE C 425 -23.64 -50.13 27.35
CA GLY C 426 -19.90 -50.13 27.81
CA GLY C 427 -19.80 -53.64 29.28
CA VAL C 428 -18.04 -56.83 28.15
CA PHE C 429 -17.19 -57.00 24.33
CA THR C 430 -17.98 -53.28 23.64
CA SER C 431 -15.63 -51.46 26.21
CA VAL C 432 -12.32 -53.23 25.33
CA GLY C 433 -13.39 -53.12 21.68
CA LYS C 434 -13.72 -49.33 22.34
CA LEU C 435 -10.24 -49.23 23.86
CA VAL C 436 -8.88 -51.04 20.71
CA HIS C 437 -10.76 -49.27 17.92
CA GLN C 438 -9.99 -45.91 19.65
CA ILE C 439 -6.30 -45.48 18.96
CA PHE C 440 -6.84 -47.30 15.64
CA GLY C 441 -9.56 -44.76 14.31
CA THR C 442 -7.75 -41.72 15.74
CA ALA C 443 -4.78 -42.95 13.54
CA TYR C 444 -6.65 -43.86 10.31
CA GLY C 445 -9.83 -41.77 10.01
CA VAL C 446 -8.33 -38.83 11.92
CA LEU C 447 -4.96 -37.17 10.89
CA PHE C 448 -5.72 -38.11 7.23
CA SER C 449 -6.85 -34.59 6.57
CA GLY C 450 -8.22 -32.96 3.37
CA VAL C 451 -8.96 -36.27 1.81
CA SER C 452 -12.21 -36.20 -0.26
CA TRP C 453 -14.89 -38.50 -1.90
CA THR C 454 -12.63 -39.18 -4.95
CA MET C 455 -9.33 -39.46 -2.99
CA LYS C 456 -10.76 -41.65 -0.25
CA ILE C 457 -12.32 -44.13 -2.73
CA GLY C 458 -9.20 -43.92 -4.97
CA ILE C 459 -6.91 -44.88 -2.03
CA GLY C 460 -9.00 -48.03 -1.78
CA VAL C 461 -8.95 -49.03 -5.55
CA LEU C 462 -5.06 -48.66 -5.44
CA LEU C 463 -4.58 -50.42 -2.04
CA THR C 464 -6.93 -53.11 -3.60
CA TRP C 465 -4.65 -53.96 -6.48
CA LEU C 466 -1.60 -53.98 -4.15
CA GLY C 467 -3.20 -56.37 -1.67
CA LEU C 468 -3.44 -59.04 -4.41
CA ASN C 469 0.26 -58.71 -5.39
CA SER C 470 2.14 -58.86 -2.03
CA ARG C 471 3.41 -61.76 0.12
CA SER C 472 3.55 -62.98 3.77
CA THR C 473 1.69 -61.03 6.55
CA SER C 474 1.08 -57.59 4.75
CA LEU C 475 -2.04 -58.91 2.97
CA SER C 476 -4.36 -59.38 6.01
CA MET C 477 -3.97 -55.85 7.29
CA THR C 478 -4.14 -54.44 3.59
CA CYS C 479 -7.53 -56.25 3.13
CA ILE C 480 -8.75 -54.42 6.30
CA ALA C 481 -7.30 -51.11 4.97
CA VAL C 482 -9.35 -51.38 1.85
CA GLY C 483 -12.62 -53.28 2.31
CA LEU C 484 -14.93 -51.56 4.75
CA VAL C 485 -12.58 -48.77 5.58
CA THR C 486 -10.85 -46.55 2.81
CA LEU C 487 -13.55 -47.52 0.34
CA TYR C 488 -16.55 -47.36 2.81
CA LEU C 489 -15.36 -44.05 4.63
CA GLY C 490 -15.14 -42.64 1.01
CA VAL C 491 -18.72 -43.81 0.02
CA MET C 492 -19.95 -42.27 3.37
CA VAL C 493 -18.06 -38.87 3.30
CA GLN C 494 -19.54 -35.46 2.09
CA ALA C 495 -23.39 -35.89 2.60
CA SER D 1 -7.76 -15.03 -2.70
CA VAL D 2 -9.68 -18.34 -2.61
CA ALA D 3 -11.23 -18.86 -5.98
CA LEU D 4 -10.65 -22.52 -5.34
CA ALA D 5 -9.66 -24.80 -2.41
CA PRO D 6 -12.05 -27.65 -1.47
CA HIS D 7 -12.81 -27.43 2.31
CA VAL D 8 -12.75 -31.03 3.10
CA GLY D 9 -10.48 -30.06 6.12
CA LEU D 10 -9.86 -31.88 9.44
CA GLY D 11 -12.97 -34.07 9.42
CA LEU D 12 -16.12 -32.11 8.25
CA GLU D 13 -17.88 -35.49 8.08
CA THR D 14 -21.63 -35.38 9.41
CA ARG D 15 -25.19 -36.88 9.26
CA THR D 16 -26.71 -33.56 7.86
CA GLU D 17 -26.27 -31.86 4.46
CA THR D 18 -22.75 -30.54 3.88
CA TRP D 19 -22.67 -26.90 2.54
CA MET D 20 -22.69 -27.45 -1.24
CA SER D 21 -23.91 -31.15 -1.10
CA SER D 22 -24.68 -32.63 -4.78
CA GLU D 23 -22.95 -29.68 -6.64
CA GLY D 24 -19.32 -30.23 -5.40
CA ALA D 25 -19.41 -34.07 -5.08
CA TRP D 26 -19.71 -34.35 -8.83
CA LYS D 27 -18.28 -30.87 -10.00
CA GLN D 28 -14.70 -32.09 -9.37
CA ILE D 29 -14.72 -35.02 -11.86
CA GLN D 30 -17.27 -33.26 -14.11
CA LYS D 31 -14.82 -30.32 -14.76
CA VAL D 32 -12.00 -32.76 -15.47
CA GLU D 33 -14.15 -34.49 -18.12
CA THR D 34 -15.18 -31.27 -19.90
CA TRP D 35 -11.51 -30.18 -20.01
CA ALA D 36 -10.44 -33.61 -21.36
CA LEU D 37 -12.96 -33.49 -24.30
CA GLY D 38 -11.56 -30.00 -25.11
CA HIS D 39 -7.76 -30.73 -24.84
CA PRO D 40 -7.38 -34.45 -26.32
CA GLY D 41 -3.57 -33.60 -26.37
CA PHE D 42 -3.02 -34.12 -22.58
CA THR D 43 -4.36 -37.72 -23.17
CA VAL D 44 -1.70 -38.49 -25.91
CA ILE D 45 0.78 -36.85 -23.53
CA ALA D 46 -0.48 -39.10 -20.67
CA LEU D 47 -0.21 -42.23 -23.08
CA PHE D 48 3.55 -41.23 -23.63
CA LEU D 49 4.62 -40.70 -20.06
CA ALA D 50 2.98 -44.11 -19.30
CA HIS D 51 4.02 -46.40 -22.22
CA ALA D 52 7.62 -45.33 -22.05
CA ILE D 53 8.35 -46.30 -18.30
CA GLY D 54 7.88 -50.07 -18.40
CA THR D 55 4.25 -51.29 -18.93
CA SER D 56 2.94 -53.51 -16.14
CA ILE D 57 -0.84 -52.96 -16.62
CA THR D 58 -1.12 -50.65 -13.55
CA GLN D 59 1.11 -47.73 -15.02
CA LYS D 60 -1.35 -46.81 -17.90
CA GLY D 61 -4.45 -46.54 -15.64
CA ILE D 62 -2.61 -45.00 -12.63
CA ILE D 63 -0.57 -42.30 -14.45
CA PHE D 64 -3.64 -41.36 -16.71
CA ILE D 65 -6.07 -40.60 -13.89
CA LEU D 66 -3.43 -38.73 -12.00
CA LEU D 67 -2.37 -36.40 -14.95
CA MET D 68 -5.88 -35.89 -16.34
CA LEU D 69 -7.16 -34.70 -12.93
CA VAL D 70 -5.00 -32.01 -11.33
CA THR D 71 -6.08 -28.83 -13.36
CA PRO D 72 -5.03 -26.37 -10.56
CA MET E 1 8.75 8.86 -33.76
CA ARG E 2 7.49 6.08 -31.46
CA CYS E 3 9.61 2.90 -31.73
CA VAL E 4 12.11 4.95 -29.69
CA GLY E 5 10.91 4.61 -25.97
CA ILE E 6 9.60 0.98 -26.01
CA SER E 7 11.89 -1.98 -25.31
CA ASN E 8 10.26 -4.87 -27.29
CA ARG E 9 10.64 -3.20 -30.80
CA ASP E 10 12.31 -5.02 -33.62
CA PHE E 11 14.44 -4.29 -36.67
CA VAL E 12 15.16 -5.80 -40.10
CA GLU E 13 17.85 -4.33 -42.31
CA GLY E 14 17.07 -4.47 -46.09
CA LEU E 15 14.00 -4.76 -48.28
CA SER E 16 15.28 -7.97 -50.05
CA ALA E 17 12.43 -9.42 -52.32
CA THR E 18 11.71 -6.06 -54.26
CA GLY E 19 9.77 -4.55 -51.37
CA TRP E 20 7.83 -7.70 -50.48
CA VAL E 21 8.62 -7.61 -46.76
CA ASP E 22 7.01 -9.84 -43.90
CA VAL E 23 6.10 -7.92 -40.65
CA VAL E 24 4.05 -8.91 -37.54
CA LEU E 25 2.63 -5.89 -35.76
CA GLU E 26 1.18 -5.72 -32.26
CA HIS E 27 0.60 -2.83 -29.80
CA GLY E 28 3.98 -3.31 -27.98
CA SER E 29 6.09 -5.12 -30.47
CA CYS E 30 6.46 -3.37 -33.71
CA VAL E 31 9.00 -3.86 -36.58
CA THR E 32 11.14 -0.95 -37.88
CA THR E 33 12.77 -1.64 -41.22
CA MET E 34 14.36 0.20 -44.11
CA ALA E 35 17.02 -0.54 -46.83
CA LYS E 36 20.15 1.39 -48.07
CA ASP E 37 17.57 3.74 -49.37
CA LYS E 38 14.39 5.14 -47.79
CA PRO E 39 14.70 6.85 -44.32
CA THR E 40 13.79 5.46 -40.81
CA LEU E 41 9.92 4.84 -40.29
CA ASP E 42 7.79 3.56 -37.44
CA ILE E 43 5.02 1.31 -38.32
CA GLU E 44 2.65 0.71 -35.34
CA LEU E 45 -0.59 -1.27 -35.12
CA LEU E 46 -2.68 0.27 -32.24
CA LYS E 47 -6.55 0.38 -31.98
CA THR E 48 -8.67 -2.44 -33.18
CA GLU E 49 -12.05 -0.82 -33.09
CA VAL E 50 -15.31 -2.76 -33.50
CA THR E 51 -18.69 -1.29 -34.65
CA ASN E 52 -21.23 -4.19 -33.86
CA PRO E 53 -20.77 -6.82 -31.48
CA ALA E 54 -23.64 -9.22 -31.64
CA VAL E 55 -25.15 -11.54 -29.03
CA LEU E 56 -24.40 -15.28 -29.05
CA ARG E 57 -25.64 -16.14 -25.59
CA LYS E 58 -26.09 -14.47 -22.16
CA LEU E 59 -25.78 -15.78 -18.56
CA CYS E 60 -26.93 -14.55 -15.09
CA ILE E 61 -24.82 -14.50 -11.83
CA GLU E 62 -27.07 -12.94 -9.23
CA ALA E 63 -30.67 -13.80 -8.53
CA LYS E 64 -33.25 -12.64 -6.07
CA ILE E 65 -36.12 -14.96 -4.70
CA SER E 66 -39.86 -14.36 -4.62
CA ASN E 67 -43.36 -15.92 -4.10
CA THR E 68 -42.08 -19.34 -3.00
CA THR E 69 -44.50 -22.39 -3.33
CA THR E 70 -44.62 -25.74 -1.54
CA ASP E 71 -46.77 -28.83 -2.33
CA SER E 72 -47.08 -32.32 -0.68
CA ARG E 73 -49.46 -35.21 -1.12
CA CYS E 74 -49.54 -38.97 -0.15
CA PRO E 75 -46.55 -41.16 0.90
CA THR E 76 -45.54 -44.02 -1.49
CA GLN E 77 -48.65 -43.05 -3.54
CA GLY E 78 -50.20 -40.31 -5.77
CA GLU E 79 -47.15 -38.20 -6.62
CA ALA E 80 -46.92 -34.43 -5.98
CA THR E 81 -47.23 -31.76 -8.68
CA LEU E 82 -46.48 -28.07 -8.51
CA VAL E 83 -48.33 -26.30 -11.38
CA GLU E 84 -45.09 -24.13 -11.71
CA GLU E 85 -42.87 -27.10 -12.76
CA GLN E 86 -43.82 -26.26 -16.35
CA ASP E 87 -43.38 -22.50 -16.03
CA ALA E 88 -39.45 -22.13 -16.80
CA ASN E 89 -39.29 -18.75 -14.87
CA PHE E 90 -39.46 -20.78 -11.62
CA VAL E 91 -36.84 -23.14 -10.20
CA CYS E 92 -38.08 -26.18 -8.29
CA ARG E 93 -37.14 -29.47 -6.56
CA ARG E 94 -38.72 -32.90 -5.55
CA THR E 95 -37.57 -33.80 -2.10
CA PHE E 96 -38.71 -36.29 0.55
CA VAL E 97 -39.74 -36.12 4.17
CA ASP E 98 -41.87 -38.72 6.20
CA ARG E 99 -45.44 -38.30 7.24
CA GLY E 100 -47.45 -40.14 9.91
CA TRP E 101 -50.45 -39.07 12.00
CA GLY E 102 -48.53 -36.02 13.28
CA ASN E 103 -47.97 -34.15 10.05
CA GLY E 104 -51.76 -34.18 9.70
CA CYS E 105 -52.18 -36.50 6.77
CA GLY E 106 -49.68 -39.33 6.86
CA LEU E 107 -49.63 -43.13 6.86
CA PHE E 108 -45.95 -43.57 7.84
CA GLY E 109 -42.82 -43.68 5.67
CA LYS E 110 -41.20 -41.52 3.08
CA GLY E 111 -42.94 -39.27 0.56
CA SER E 112 -43.72 -36.35 -1.73
CA LEU E 113 -42.72 -32.62 -1.01
CA ILE E 114 -41.82 -30.16 -3.73
CA THR E 115 -40.82 -26.57 -3.59
CA CYS E 116 -40.41 -23.79 -6.23
CA ALA E 117 -39.58 -20.13 -6.38
CA LYS E 118 -39.51 -17.20 -8.80
CA PHE E 119 -35.97 -16.55 -10.09
CA LYS E 120 -35.52 -12.82 -10.91
CA CYS E 121 -31.90 -11.64 -11.68
CA VAL E 122 -29.89 -8.70 -10.40
CA THR E 123 -26.81 -9.13 -12.73
CA LYS E 124 -26.56 -10.46 -16.18
CA LEU E 125 -23.51 -11.11 -18.36
CA GLU E 126 -23.21 -11.74 -22.11
CA GLY E 127 -21.06 -13.79 -24.45
CA LYS E 128 -21.07 -11.42 -27.35
CA ILE E 129 -19.24 -12.03 -30.59
CA VAL E 130 -17.67 -9.92 -33.41
CA GLN E 131 -18.26 -10.81 -37.13
CA TYR E 132 -15.58 -10.03 -39.68
CA GLU E 133 -16.92 -6.91 -41.36
CA ASN E 134 -17.16 -4.90 -38.05
CA LEU E 135 -13.29 -4.32 -37.72
CA LYS E 136 -11.15 -1.28 -38.38
CA TYR E 137 -7.47 -1.63 -37.39
CA SER E 138 -5.50 1.64 -36.96
CA VAL E 139 -1.92 1.69 -37.92
CA ILE E 140 -0.10 4.78 -36.72
CA VAL E 141 2.84 5.53 -38.86
CA THR E 142 5.48 8.12 -37.89
CA VAL E 143 8.43 9.97 -39.52
CA HIS E 144 11.79 9.46 -37.89
CA THR E 145 14.58 11.92 -38.93
CA GLY E 146 13.02 15.16 -37.65
CA ASP E 147 11.53 17.48 -35.12
CA GLN E 148 12.20 17.68 -31.41
CA HIS E 149 8.37 17.37 -30.99
CA GLN E 150 9.18 14.68 -28.38
CA VAL E 151 10.91 11.52 -29.55
CA GLY E 152 8.87 8.75 -27.83
CA ASN E 153 5.51 10.66 -27.87
CA GLU E 154 1.93 9.02 -27.53
CA SER E 155 -0.56 11.57 -28.68
CA THR E 156 -1.20 13.76 -31.75
CA GLU E 157 -0.97 13.15 -35.38
CA HIS E 158 2.90 13.36 -35.28
CA GLY E 159 2.94 11.67 -38.72
CA THR E 160 -0.87 10.87 -39.09
CA THR E 161 -2.79 7.47 -39.00
CA ALA E 162 -4.57 5.11 -41.29
CA THR E 163 -7.10 2.30 -41.19
CA ILE E 164 -7.20 -1.35 -42.60
CA THR E 165 -10.19 -3.92 -42.57
CA PRO E 166 -10.96 -7.59 -43.77
CA GLN E 167 -12.91 -5.89 -46.66
CA ALA E 168 -10.00 -3.72 -47.87
CA PRO E 169 -6.81 -5.27 -46.43
CA THR E 170 -4.43 -3.15 -48.60
CA THR E 171 -3.91 0.53 -47.59
CA GLU E 172 -1.68 3.56 -48.42
CA ILE E 173 -0.25 6.31 -46.22
CA GLN E 174 0.60 9.78 -47.61
CA LEU E 175 3.90 10.71 -45.86
CA THR E 176 4.72 14.39 -46.65
CA ASP E 177 7.31 14.38 -49.56
CA TYR E 178 8.99 11.28 -48.21
CA GLY E 179 6.65 9.18 -50.25
CA ALA E 180 3.55 7.14 -50.20
CA LEU E 181 3.90 3.96 -48.03
CA THR E 182 1.65 0.98 -48.94
CA LEU E 183 0.86 -2.04 -46.61
CA ASP E 184 -0.41 -5.39 -47.97
CA CYS E 185 -2.12 -6.73 -44.77
CA SER E 186 -3.96 -10.01 -44.26
CA PRO E 187 -6.49 -9.54 -41.47
CA ARG E 188 -8.72 -12.51 -42.46
CA THR E 189 -7.19 -15.30 -40.43
CA GLY E 190 -5.62 -13.46 -37.55
CA LEU E 191 -7.82 -14.00 -34.67
CA ASP E 192 -10.68 -16.32 -35.79
CA PHE E 193 -13.71 -14.03 -35.47
CA ASN E 194 -17.01 -15.46 -33.93
CA GLU E 195 -14.83 -18.25 -32.59
CA MET E 196 -13.81 -15.72 -29.90
CA VAL E 197 -16.51 -14.67 -27.44
CA LEU E 198 -16.61 -11.41 -25.49
CA LEU E 199 -17.82 -12.31 -22.05
CA THR E 200 -19.07 -9.07 -20.66
CA MET E 201 -19.01 -7.84 -17.01
CA LYS E 202 -20.74 -4.75 -15.57
CA GLU E 203 -18.03 -2.48 -16.97
CA LYS E 204 -15.18 -4.90 -17.81
CA SER E 205 -15.10 -7.86 -20.28
CA TRP E 206 -12.70 -10.75 -21.36
CA LEU E 207 -11.99 -12.63 -24.61
CA VAL E 208 -12.89 -16.29 -24.06
CA HIS E 209 -12.95 -18.87 -26.83
CA LYS E 210 -16.34 -20.30 -28.02
CA GLN E 211 -15.67 -24.09 -27.62
CA TRP E 212 -15.17 -23.63 -23.78
CA PHE E 213 -17.62 -20.80 -23.11
CA LEU E 214 -20.55 -23.11 -24.18
CA ASP E 215 -19.42 -26.05 -21.85
CA LEU E 216 -19.38 -23.70 -18.82
CA PRO E 217 -21.83 -24.65 -16.04
CA LEU E 218 -23.87 -21.42 -15.70
CA PRO E 219 -27.50 -20.60 -16.59
CA TRP E 220 -27.99 -19.73 -20.22
CA THR E 221 -30.40 -17.51 -22.12
CA SER E 222 -31.42 -18.23 -25.68
CA GLY E 223 -30.19 -14.77 -26.89
CA ALA E 224 -32.72 -11.93 -26.49
CA SER E 225 -33.72 -11.63 -22.78
CA THR E 226 -36.25 -8.81 -22.99
CA SER E 227 -39.54 -10.64 -22.19
CA GLN E 228 -38.31 -14.30 -21.83
CA GLU E 229 -36.03 -14.30 -18.77
CA THR E 230 -35.07 -17.85 -19.33
CA TRP E 231 -32.10 -19.04 -17.29
CA ASN E 232 -31.87 -22.48 -18.74
CA ARG E 233 -30.21 -25.14 -16.55
CA GLN E 234 -31.16 -22.98 -13.41
CA ASP E 235 -29.78 -24.90 -10.48
CA LEU E 236 -26.11 -24.06 -11.12
CA LEU E 237 -26.57 -21.06 -8.80
CA VAL E 238 -28.97 -22.37 -6.05
CA THR E 239 -29.09 -24.99 -3.48
CA PHE E 240 -32.44 -26.00 -2.06
CA LYS E 241 -31.93 -27.88 1.28
CA THR E 242 -33.57 -30.64 3.25
CA ALA E 243 -31.71 -30.02 6.49
CA HIS E 244 -31.83 -33.70 7.77
CA ALA E 245 -35.70 -33.50 7.93
CA LYS E 246 -37.77 -30.25 8.58
CA LYS E 247 -38.15 -26.75 7.11
CA GLN E 248 -36.96 -27.69 3.57
CA GLU E 249 -36.49 -24.77 1.16
CA VAL E 250 -34.52 -23.02 -1.74
CA VAL E 251 -31.43 -20.77 -1.12
CA VAL E 252 -29.24 -18.78 -3.62
CA LEU E 253 -25.53 -19.39 -4.17
CA GLY E 254 -24.65 -15.65 -4.88
CA SER E 255 -22.63 -13.76 -7.46
CA GLN E 256 -19.76 -15.41 -9.35
CA GLU E 257 -18.12 -11.86 -9.87
CA GLY E 258 -14.94 -12.51 -7.76
CA ALA E 259 -14.46 -16.16 -8.65
CA MET E 260 -14.87 -15.45 -12.41
CA HIS E 261 -12.07 -12.71 -12.54
CA THR E 262 -9.66 -14.56 -10.29
CA ALA E 263 -9.27 -17.75 -12.41
CA LEU E 264 -9.39 -16.47 -16.04
CA THR E 265 -5.92 -16.36 -17.67
CA GLY E 266 -5.25 -15.65 -21.52
CA ALA E 267 -7.80 -13.00 -22.43
CA THR E 268 -6.32 -9.83 -23.97
CA GLU E 269 -7.61 -6.16 -23.35
CA ILE E 270 -11.04 -4.79 -24.00
CA GLN E 271 -12.56 -1.45 -23.08
CA THR E 272 -16.37 -1.35 -23.37
CA SER E 273 -16.38 2.34 -22.19
CA GLY E 274 -16.81 4.29 -25.39
CA THR E 275 -17.59 2.50 -28.48
CA THR E 276 -16.34 -1.13 -28.56
CA THR E 277 -12.56 -1.57 -28.58
CA ILE E 278 -10.84 -4.79 -28.28
CA PHE E 279 -7.17 -3.89 -27.97
CA ALA E 280 -3.88 -5.94 -28.17
CA GLY E 281 -3.72 -8.70 -30.92
CA HIS E 282 -1.30 -9.72 -33.58
CA LEU E 283 -1.78 -8.85 -37.21
CA LYS E 284 0.51 -10.14 -40.01
CA CYS E 285 1.21 -7.72 -42.85
CA ARG E 286 3.43 -7.40 -45.81
CA LEU E 287 4.90 -3.89 -46.33
CA LYS E 288 5.41 -2.58 -49.90
CA MET E 289 7.91 0.28 -49.97
CA ASP E 290 8.35 0.98 -53.77
CA LYS E 291 6.22 4.22 -53.79
CA LEU E 292 8.65 5.79 -51.19
CA THR E 293 11.43 8.21 -52.25
CA LEU E 294 13.54 9.43 -49.41
CA LYS E 295 13.11 13.09 -49.20
CA GLY E 296 15.38 12.99 -52.27
CA MET E 297 19.24 12.76 -52.01
CA SER E 298 20.36 15.73 -54.18
CA TYR E 299 20.77 17.82 -51.03
CA VAL E 300 24.16 19.36 -50.16
CA MET E 301 26.64 18.73 -47.12
CA CYS E 302 26.28 21.71 -44.71
CA THR E 303 29.02 24.31 -43.83
CA GLY E 304 30.01 23.24 -40.25
CA SER E 305 28.42 24.79 -37.17
CA PHE E 306 27.05 21.77 -35.28
CA LYS E 307 25.69 22.45 -31.71
CA LEU E 308 24.25 19.36 -29.95
CA GLU E 309 20.76 19.49 -28.31
CA LYS E 310 20.48 16.02 -26.72
CA GLU E 311 22.83 14.12 -24.19
CA VAL E 312 22.50 10.63 -25.83
CA ALA E 313 20.47 7.47 -25.34
CA GLU E 314 19.95 3.92 -26.64
CA THR E 315 16.62 2.37 -27.69
CA GLN E 316 16.56 0.53 -24.24
CA HIS E 317 19.22 -1.73 -25.96
CA GLY E 318 21.48 -0.48 -28.88
CA THR E 319 20.79 2.31 -31.53
CA VAL E 320 22.68 5.48 -30.58
CA LEU E 321 20.19 8.35 -30.39
CA VAL E 322 21.38 12.04 -30.89
CA GLN E 323 19.76 15.28 -31.77
CA ILE E 324 21.94 17.99 -33.36
CA LYS E 325 21.10 21.56 -34.52
CA TYR E 326 23.10 23.02 -37.35
CA GLU E 327 23.28 26.87 -37.34
CA GLY E 328 25.20 27.16 -40.64
CA THR E 329 24.03 29.32 -43.55
CA ASP E 330 23.46 26.07 -45.43
CA ALA E 331 20.56 24.77 -47.46
CA PRO E 332 18.56 21.52 -46.94
CA CYS E 333 21.41 19.00 -46.67
CA LYS E 334 22.91 15.56 -45.88
CA ILE E 335 24.48 14.85 -42.37
CA PRO E 336 28.05 13.49 -43.11
CA PHE E 337 27.85 10.83 -40.35
CA SER E 338 30.70 8.40 -40.35
CA THR E 339 31.08 5.57 -37.91
CA GLN E 340 34.83 5.52 -37.93
CA ASP E 341 37.36 3.22 -36.13
CA GLU E 342 40.10 3.07 -33.39
CA LYS E 343 41.78 6.39 -34.06
CA GLY E 344 41.82 5.67 -37.80
CA VAL E 345 39.05 5.27 -40.48
CA THR E 346 37.68 2.30 -42.42
CA GLN E 347 34.03 2.46 -41.24
CA ASN E 348 32.30 -0.75 -39.96
CA GLY E 349 29.15 0.96 -38.50
CA ARG E 350 25.55 1.21 -39.77
CA LEU E 351 22.95 3.95 -40.05
CA ILE E 352 19.13 3.41 -39.46
CA THR E 353 18.46 6.84 -41.12
CA ALA E 354 20.10 5.73 -44.48
CA ASN E 355 21.16 9.40 -45.09
CA PRO E 356 19.54 11.78 -42.59
CA ILE E 357 18.65 15.16 -44.18
CA VAL E 358 18.79 18.54 -42.26
CA THR E 359 15.87 20.79 -43.57
CA ASP E 360 14.64 23.64 -41.29
CA LYS E 361 18.05 23.87 -39.50
CA GLU E 362 16.87 25.74 -36.40
CA LYS E 363 15.26 22.65 -34.97
CA PRO E 364 17.05 19.82 -33.12
CA VAL E 365 17.21 17.04 -35.66
CA ASN E 366 17.04 13.47 -34.15
CA ILE E 367 19.52 10.97 -35.67
CA GLU E 368 19.02 7.16 -35.53
CA ALA E 369 22.34 5.46 -35.98
CA GLU E 370 24.11 2.12 -35.01
CA PRO E 371 28.02 2.24 -34.89
CA PRO E 372 30.11 -0.83 -33.82
CA PHE E 373 29.48 -3.25 -31.11
CA GLY E 374 30.62 -1.69 -27.70
CA GLU E 375 33.64 0.62 -27.64
CA SER E 376 32.54 2.47 -30.81
CA TYR E 377 33.58 5.80 -32.43
CA ILE E 378 31.05 8.43 -33.63
CA VAL E 379 32.01 11.15 -36.19
CA ILE E 380 30.16 13.63 -38.31
CA GLY E 381 32.56 15.16 -41.01
CA ALA E 382 31.90 18.79 -41.43
CA GLY E 383 33.45 22.30 -40.64
CA GLU E 384 36.53 22.31 -38.38
CA LYS E 385 35.97 18.52 -37.69
CA ALA E 386 32.89 19.47 -35.71
CA LEU E 387 31.98 16.17 -34.09
CA LYS E 388 33.98 13.04 -33.44
CA LEU E 389 33.39 10.99 -30.17
CA SER E 390 34.25 7.70 -28.49
CA TRP E 391 31.06 6.05 -27.23
CA PHE E 392 30.15 3.02 -25.17
CA LYS E 393 27.42 0.84 -25.94
CA LYS E 394 27.97 -2.15 -23.86
CA GLY E 395 28.25 -5.82 -25.10
CA SER E 396 30.70 -7.06 -27.64
CA SER E 397 29.85 -8.77 -30.89
CA ILE E 398 29.58 -12.13 -29.14
CA GLY E 399 27.26 -10.36 -26.56
CA LYS E 400 25.17 -8.88 -29.30
CA MET E 401 24.91 -12.20 -31.14
CA PHE E 402 23.68 -13.77 -27.69
CA GLU E 403 20.90 -11.14 -26.96
CA ALA E 404 19.86 -11.60 -30.64
CA THR E 405 19.21 -15.43 -30.23
CA ALA E 406 17.14 -14.51 -27.15
CA ARG E 407 15.26 -12.03 -29.39
CA GLY E 408 15.20 -14.68 -32.22
CA ALA E 409 13.34 -16.86 -29.86
CA ARG E 410 10.75 -14.47 -28.43
CA ARG E 411 9.42 -14.32 -32.07
CA MET E 412 9.91 -17.98 -33.06
CA ALA E 413 7.85 -18.70 -29.87
CA ILE E 414 5.14 -17.09 -27.70
CA LEU E 415 3.19 -16.84 -30.78
CA GLY E 416 4.48 -19.61 -33.09
CA ASP E 417 3.49 -20.14 -36.86
CA THR E 418 2.97 -16.38 -37.38
CA ALA E 419 6.40 -16.37 -35.82
CA TRP E 420 8.00 -16.70 -39.26
CA ASP E 421 6.40 -13.60 -40.57
CA PHE E 422 8.69 -11.30 -38.36
CA GLY E 423 11.30 -11.47 -41.06
CA SER E 424 11.59 -10.56 -44.76
CA ILE E 425 11.09 -13.15 -47.59
CA GLY E 426 14.28 -15.21 -48.03
CA GLY E 427 12.86 -17.47 -50.80
CA VAL E 428 13.97 -20.95 -49.94
CA PHE E 429 14.27 -20.65 -46.09
CA THR E 430 11.24 -18.67 -44.50
CA SER E 431 8.97 -20.33 -47.14
CA VAL E 432 9.77 -23.95 -46.40
CA GLY E 433 9.85 -22.85 -42.71
CA LYS E 434 6.17 -21.94 -42.72
CA LEU E 435 5.36 -25.04 -44.87
CA VAL E 436 6.97 -27.31 -42.15
CA HIS E 437 6.00 -25.25 -39.06
CA GLN E 438 2.27 -25.12 -40.28
CA ILE E 439 2.17 -28.90 -39.87
CA PHE E 440 4.68 -29.68 -37.03
CA GLY E 441 3.89 -26.38 -35.21
CA THR E 442 0.05 -26.86 -35.16
CA ALA E 443 0.50 -30.45 -33.72
CA TYR E 444 2.35 -29.50 -30.54
CA GLY E 445 0.54 -26.15 -30.38
CA VAL E 446 -3.15 -27.45 -30.15
CA LEU E 447 -2.12 -30.61 -28.23
CA PHE E 448 -0.19 -28.78 -25.51
CA SER E 449 -1.54 -25.13 -25.59
CA GLY E 450 -4.19 -23.18 -23.52
CA VAL E 451 -2.95 -24.17 -20.10
CA SER E 452 -0.74 -21.95 -17.96
CA TRP E 453 2.86 -22.22 -16.72
CA THR E 454 2.70 -24.98 -14.02
CA MET E 455 1.16 -27.78 -15.96
CA LYS E 456 3.43 -27.17 -18.98
CA ILE E 457 6.71 -27.06 -16.91
CA GLY E 458 5.54 -30.19 -14.98
CA ILE E 459 4.94 -32.35 -18.02
CA GLY E 460 8.27 -31.18 -19.46
CA VAL E 461 10.82 -32.72 -16.96
CA LEU E 462 9.65 -36.36 -17.19
CA LEU E 463 9.78 -36.23 -21.02
CA THR E 464 13.45 -35.02 -21.33
CA TRP E 465 14.42 -37.61 -18.68
CA LEU E 466 12.48 -40.60 -20.24
CA GLY E 467 14.44 -39.45 -23.34
CA LEU E 468 18.07 -39.18 -22.00
CA ASN E 469 18.01 -42.95 -21.31
CA SER E 470 17.86 -43.74 -25.08
CA ARG E 471 16.15 -46.50 -26.92
CA SER E 472 15.98 -46.56 -30.77
CA THR E 473 17.14 -42.87 -31.39
CA SER E 474 13.61 -41.21 -31.83
CA LEU E 475 13.70 -39.67 -28.32
CA SER E 476 15.67 -36.70 -29.55
CA MET E 477 12.52 -35.34 -31.33
CA THR E 478 10.63 -35.55 -27.96
CA CYS E 479 13.38 -33.89 -25.95
CA ILE E 480 14.14 -31.03 -28.61
CA ALA E 481 10.36 -30.14 -28.59
CA VAL E 482 10.22 -30.04 -24.83
CA GLY E 483 13.54 -28.32 -24.13
CA LEU E 484 13.28 -25.66 -26.77
CA VAL E 485 9.50 -24.91 -26.92
CA THR E 486 7.25 -26.49 -24.15
CA LEU E 487 9.70 -25.55 -21.23
CA TYR E 488 10.50 -22.00 -22.68
CA LEU E 489 6.55 -21.50 -23.23
CA GLY E 490 5.81 -22.70 -19.63
CA VAL E 491 8.59 -20.84 -17.65
CA MET E 492 7.98 -17.44 -19.13
CA VAL E 493 4.80 -16.92 -21.46
CA GLN E 494 1.49 -15.57 -19.99
CA ALA E 495 3.26 -13.88 -17.09
CA SER F 1 -21.43 -22.84 -10.29
CA VAL F 2 -18.11 -21.48 -11.57
CA ALA F 3 -15.24 -20.83 -9.23
CA LEU F 4 -13.87 -24.21 -8.74
CA ALA F 5 -11.67 -24.38 -12.00
CA PRO F 6 -12.24 -21.85 -14.84
CA HIS F 7 -10.09 -20.75 -17.95
CA VAL F 8 -6.26 -21.24 -17.76
CA GLY F 9 -5.51 -19.52 -21.06
CA LEU F 10 -7.56 -21.21 -23.90
CA GLY F 11 -4.98 -19.92 -26.48
CA LEU F 12 -3.96 -16.27 -26.53
CA GLU F 13 -0.30 -16.80 -25.27
CA THR F 14 0.46 -13.35 -26.74
CA ARG F 15 3.21 -10.76 -26.24
CA THR F 16 0.71 -8.63 -24.44
CA GLU F 17 -0.01 -9.01 -20.79
CA THR F 18 -3.34 -10.68 -19.84
CA TRP F 19 -6.00 -10.40 -17.08
CA MET F 20 -4.21 -12.62 -14.54
CA SER F 21 -0.73 -12.60 -15.99
CA SER F 22 2.07 -13.50 -13.42
CA GLU F 23 -0.45 -13.45 -10.54
CA GLY F 24 -2.44 -16.67 -11.63
CA ALA F 25 0.80 -18.76 -12.26
CA TRP F 26 1.72 -18.37 -8.53
CA LYS F 27 -1.78 -18.35 -6.90
CA GLN F 28 -2.22 -21.93 -8.28
CA ILE F 29 0.95 -23.34 -6.59
CA GLN F 30 0.11 -21.43 -3.38
CA LYS F 31 -3.15 -23.52 -3.05
CA VAL F 32 -1.29 -26.88 -2.65
CA GLU F 33 1.61 -25.29 -0.62
CA THR F 34 -0.88 -23.96 2.04
CA TRP F 35 -2.75 -27.16 2.38
CA ALA F 36 0.51 -29.09 2.43
CA LEU F 37 1.96 -27.52 5.70
CA GLY F 38 -1.48 -27.86 7.30
CA HIS F 39 -1.91 -31.51 6.39
CA PRO F 40 0.75 -34.16 7.52
CA GLY F 41 -2.28 -36.57 6.82
CA PHE F 42 -2.48 -35.94 3.07
CA THR F 43 1.36 -36.46 2.97
CA VAL F 44 1.36 -39.65 5.14
CA ILE F 45 -1.21 -41.34 2.94
CA ALA F 46 0.46 -40.15 -0.33
CA LEU F 47 4.01 -41.00 0.95
CA PHE F 48 2.80 -44.50 1.81
CA LEU F 49 1.20 -45.31 -1.55
CA ALA F 50 4.40 -44.08 -3.21
CA HIS F 51 6.58 -46.25 -1.00
CA ALA F 52 4.45 -49.23 -2.29
CA ILE F 53 3.36 -48.71 -6.01
CA GLY F 54 5.62 -49.59 -8.92
CA THR F 55 8.93 -49.25 -7.16
CA SER F 56 12.39 -48.44 -8.53
CA ILE F 57 12.59 -44.72 -7.77
CA THR F 58 11.29 -42.62 -10.76
CA GLN F 59 7.84 -44.45 -10.65
CA LYS F 60 7.43 -43.56 -6.88
CA GLY F 61 8.63 -40.11 -7.95
CA ILE F 62 5.76 -39.34 -10.24
CA ILE F 63 3.30 -40.97 -7.67
CA PHE F 64 4.19 -38.47 -4.84
CA ILE F 65 4.10 -35.18 -6.86
CA LEU F 66 0.82 -36.26 -8.57
CA LEU F 67 -0.92 -37.48 -5.41
CA MET F 68 0.18 -34.44 -3.60
CA LEU F 69 -1.01 -32.16 -6.41
CA VAL F 70 -4.55 -33.33 -7.26
CA THR F 71 -6.56 -31.28 -4.72
CA PRO F 72 -9.00 -28.64 -6.11
CA GLN G 5 -57.63 -30.17 31.04
CA VAL G 6 -55.29 -28.48 33.45
CA GLN G 7 -56.46 -26.05 36.13
CA LEU G 8 -54.85 -23.62 38.65
CA VAL G 9 -57.40 -21.88 40.96
CA GLU G 10 -56.48 -19.28 43.61
CA SER G 11 -58.63 -18.65 46.64
CA GLY G 12 -58.35 -16.18 49.51
CA GLY G 13 -58.50 -12.65 47.98
CA GLY G 14 -60.09 -9.50 49.40
CA VAL G 15 -59.54 -6.42 51.49
CA VAL G 16 -56.86 -6.19 54.22
CA GLN G 17 -55.06 -3.17 55.78
CA PRO G 18 -51.27 -2.27 56.37
CA GLY G 19 -49.29 -4.47 58.78
CA ARG G 20 -51.66 -7.53 58.95
CA SER G 21 -51.03 -11.03 57.41
CA LEU G 22 -52.97 -12.88 54.84
CA ARG G 23 -52.91 -16.33 53.21
CA LEU G 24 -53.51 -17.19 49.61
CA SER G 25 -53.80 -20.72 48.14
CA CYS G 26 -53.58 -22.20 44.62
CA ALA G 27 -55.40 -25.35 43.79
CA ALA G 28 -54.06 -27.55 41.05
CA SER G 29 -55.79 -30.32 39.18
CA GLY G 30 -55.69 -32.06 35.77
CA PHE G 31 -51.96 -32.76 35.95
CA THR G 32 -49.44 -34.36 38.24
CA PHE G 33 -48.47 -31.45 40.44
CA SER G 34 -45.64 -33.04 42.50
CA ALA G 35 -43.43 -33.28 39.33
CA TYR G 36 -43.64 -29.56 38.61
CA GLY G 37 -42.25 -26.39 40.24
CA MET G 38 -44.55 -23.41 40.84
CA HIS G 39 -44.23 -19.66 40.42
CA TRP G 40 -46.01 -16.65 41.95
CA VAL G 41 -46.13 -13.52 39.66
CA ARG G 42 -48.15 -10.30 40.69
CA GLN G 43 -49.72 -7.46 38.70
CA ALA G 44 -50.35 -4.09 40.38
CA PRO G 45 -53.58 -2.10 39.52
CA GLY G 46 -52.66 -0.31 36.23
CA LYS G 47 -49.07 -1.83 35.90
CA GLY G 48 -47.34 -4.86 34.58
CA LEU G 49 -46.01 -8.16 35.79
CA GLU G 50 -43.71 -8.33 38.89
CA TRP G 51 -42.29 -11.82 39.67
CA VAL G 52 -42.60 -12.73 43.44
CA ALA G 53 -41.54 -16.20 44.31
CA ILE G 54 -40.84 -19.86 43.07
CA ILE G 55 -40.92 -23.26 44.86
CA TRP G 56 -39.13 -26.39 43.61
CA TYR G 57 -40.95 -29.56 42.41
CA ASP G 58 -40.12 -31.48 45.58
CA GLY G 59 -40.57 -28.12 47.54
CA SER G 60 -37.28 -28.47 49.32
CA ASN G 61 -35.99 -24.95 48.41
CA LYS G 62 -38.03 -21.82 47.93
CA TYR G 63 -36.96 -18.54 46.25
CA TYR G 64 -38.30 -15.00 46.56
CA ALA G 65 -37.81 -11.70 44.79
CA ASP G 66 -35.82 -9.04 46.50
CA SER G 67 -38.90 -6.70 46.44
CA VAL G 68 -40.99 -9.25 48.25
CA LYS G 69 -38.26 -10.79 50.54
CA GLY G 70 -39.03 -11.19 54.36
CA ARG G 71 -42.69 -10.27 53.83
CA PHE G 72 -43.63 -13.30 51.70
CA THR G 73 -43.35 -17.03 52.62
CA ILE G 74 -44.06 -19.97 50.13
CA SER G 75 -45.15 -23.65 50.36
CA ARG G 76 -46.72 -26.54 48.65
CA ASP G 77 -48.79 -29.71 49.43
CA ASN G 78 -48.08 -32.44 46.91
CA SER G 79 -50.65 -34.82 48.35
CA LYS G 80 -53.57 -32.37 48.05
CA ASN G 81 -52.06 -30.64 44.95
CA THR G 82 -52.10 -27.10 46.57
CA LEU G 83 -49.75 -24.13 46.64
CA HIS G 84 -49.77 -21.71 49.54
CA LEU G 85 -48.63 -18.12 49.93
CA GLN G 86 -48.44 -16.44 53.40
CA MET G 87 -47.73 -12.67 53.42
CA ASN G 88 -46.83 -10.98 56.69
CA SER G 89 -46.60 -7.20 57.61
CA LEU G 90 -48.08 -6.12 54.23
CA ARG G 91 -47.38 -2.70 52.75
CA ALA G 92 -49.22 -0.33 50.41
CA GLU G 93 -47.03 -1.67 47.48
CA ASP G 94 -48.51 -5.11 47.95
CA THR G 95 -51.92 -4.11 46.45
CA ALA G 96 -52.30 -6.34 43.49
CA ILE G 97 -53.63 -9.33 41.80
CA TYR G 98 -51.45 -12.46 42.52
CA TYR G 99 -51.16 -15.36 39.95
CA CYS G 100 -49.81 -18.90 40.44
CA ALA G 101 -48.16 -20.52 37.37
CA ARG G 102 -46.31 -23.90 36.27
CA ASP G 103 -42.77 -24.72 35.36
CA LYS G 104 -40.99 -28.12 35.65
CA ASN G 105 -38.34 -26.20 37.73
CA PRO G 106 -36.09 -23.08 37.32
CA GLY G 107 -32.83 -24.34 39.01
CA THR G 108 -32.60 -27.49 41.22
CA LYS G 109 -30.48 -29.22 38.51
CA PRO G 110 -29.00 -27.02 35.51
CA TYR G 111 -32.43 -26.06 34.30
CA TYR G 112 -33.47 -22.74 32.81
CA HIS G 113 -36.99 -21.33 33.03
CA TYR G 114 -39.76 -22.58 30.76
CA GLY G 115 -42.63 -20.96 28.85
CA MET G 116 -45.27 -21.76 31.50
CA ASP G 117 -48.44 -23.40 30.00
CA VAL G 118 -50.91 -22.40 32.82
CA TRP G 119 -51.30 -19.32 34.96
CA GLY G 120 -54.15 -19.14 37.47
CA GLN G 121 -57.19 -16.71 37.40
CA GLY G 122 -55.65 -14.66 40.21
CA THR G 123 -56.46 -13.65 43.68
CA THR G 124 -56.59 -9.91 44.52
CA VAL G 125 -55.18 -8.42 47.69
CA THR G 126 -56.45 -4.91 48.34
CA VAL G 127 -54.65 -3.01 51.08
CA SER G 128 -56.94 -0.46 52.60
CA SER G 129 -54.95 2.57 53.73
CA ALA G 130 -58.03 4.43 54.99
CA GLY G 131 -61.17 2.89 56.45
CA THR G 132 -64.24 1.49 54.61
CA LYS G 133 -66.50 4.57 53.92
CA GLY G 134 -69.83 4.63 52.08
CA PRO G 135 -70.47 7.05 49.12
CA SER G 136 -72.19 10.32 49.36
CA VAL G 137 -74.58 10.64 46.34
CA PHE G 138 -74.78 14.05 44.53
CA PRO G 139 -77.17 14.90 41.71
CA LEU G 140 -75.83 16.13 38.36
CA ALA G 141 -78.19 18.67 36.68
CA PRO G 142 -80.11 17.66 33.44
CA SER G 143 -79.32 20.11 30.64
CA SER G 144 -76.64 21.82 32.53
CA LYS G 145 -77.63 25.51 32.86
CA SER G 146 -80.51 25.56 30.52
CA THR G 147 -83.88 24.01 29.74
CA SER G 148 -85.91 22.86 26.78
CA GLY G 149 -83.10 21.77 24.39
CA GLY G 150 -82.43 19.07 21.69
CA THR G 151 -81.05 15.83 23.33
CA ALA G 152 -79.83 15.86 26.98
CA ALA G 153 -77.65 14.17 29.59
CA LEU G 154 -78.02 13.84 33.36
CA GLY G 155 -76.77 11.62 36.22
CA CYS G 156 -75.40 10.93 39.63
CA LEU G 157 -72.02 11.62 41.08
CA VAL G 158 -71.14 8.88 43.49
CA LYS G 159 -68.23 10.48 45.47
CA ASP G 160 -65.78 9.67 48.27
CA TYR G 161 -65.99 5.91 49.23
CA PHE G 162 -63.62 2.95 50.08
CA PRO G 163 -63.08 0.24 48.90
CA GLU G 164 -65.10 -0.77 45.76
CA PRO G 165 -67.55 -1.28 44.13
CA VAL G 166 -70.64 0.85 43.42
CA THR G 167 -73.40 -0.45 41.24
CA VAL G 168 -75.77 2.33 39.96
CA SER G 169 -79.23 1.71 38.61
CA TRP G 170 -81.90 4.15 37.22
CA ASN G 171 -85.51 4.01 38.32
CA SER G 172 -85.18 0.57 39.99
CA GLY G 173 -83.95 -1.44 36.95
CA ALA G 174 -86.68 -0.28 34.54
CA LEU G 175 -84.46 2.22 32.60
CA THR G 176 -81.40 0.40 31.37
CA SER G 177 -80.77 1.90 27.96
CA GLY G 178 -78.13 4.67 27.24
CA VAL G 179 -76.50 4.41 30.59
CA HIS G 180 -72.68 5.11 30.87
CA THR G 181 -71.30 4.35 34.36
CA PHE G 182 -67.84 5.80 33.83
CA PRO G 183 -64.59 4.44 35.56
CA ALA G 184 -63.45 5.83 38.87
CA VAL G 185 -60.72 8.04 40.20
CA LEU G 186 -58.54 7.56 43.19
CA GLN G 187 -59.13 11.00 44.69
CA SER G 188 -56.71 12.96 46.81
CA SER G 189 -58.77 12.05 49.96
CA GLY G 190 -57.38 8.56 49.15
CA LEU G 191 -60.96 7.43 48.52
CA TYR G 192 -62.75 6.39 45.18
CA SER G 193 -65.29 8.31 43.11
CA LEU G 194 -67.25 7.47 40.01
CA SER G 195 -70.07 9.16 38.07
CA SER G 196 -72.98 7.49 36.23
CA VAL G 197 -74.66 9.47 33.54
CA VAL G 198 -77.42 8.85 30.96
CA THR G 199 -78.75 10.44 27.70
CA VAL G 200 -82.38 11.32 27.18
CA PRO G 201 -85.01 13.30 25.02
CA SER G 202 -85.19 16.86 26.48
CA SER G 203 -89.03 16.43 26.05
CA SER G 204 -89.08 13.76 28.93
CA LEU G 205 -87.48 15.90 31.58
CA GLY G 206 -89.82 17.50 34.15
CA THR G 207 -92.56 15.21 33.22
CA GLN G 208 -90.67 11.99 34.14
CA THR G 209 -88.70 11.57 37.46
CA TYR G 210 -85.24 10.14 37.40
CA ILE G 211 -84.04 8.32 40.50
CA CYS G 212 -80.48 6.90 40.61
CA ASN G 213 -80.17 3.79 42.82
CA VAL G 214 -76.64 3.72 44.22
CA ASN G 215 -75.35 0.58 46.02
CA HIS G 216 -71.87 0.35 47.83
CA LYS G 217 -71.88 -3.21 49.22
CA PRO G 218 -68.84 -3.18 51.76
CA SER G 219 -70.44 -0.49 54.12
CA ASN G 220 -73.99 -1.59 53.14
CA THR G 221 -74.83 1.84 51.71
CA LYS G 222 -77.94 2.05 49.62
CA VAL G 223 -79.19 5.53 48.53
CA ASP G 224 -81.93 6.33 46.03
CA LYS G 225 -81.54 9.97 44.82
CA LYS G 226 -84.05 11.94 42.61
CA VAL G 227 -82.64 14.27 39.88
CA GLU G 228 -84.89 17.18 39.06
CA PRO G 229 -84.00 20.20 36.80
CA LYS G 230 -81.97 22.91 38.47
CA SER G 231 -83.23 26.39 37.87
CA CYS G 232 -80.44 28.30 39.71
CA SER H 25 -34.79 -4.09 36.02
CA VAL H 26 -37.31 -4.28 33.10
CA LEU H 27 -37.00 -5.61 29.61
CA THR H 28 -37.25 -2.52 27.31
CA GLN H 29 -40.48 -2.76 25.33
CA PRO H 30 -42.20 0.04 23.40
CA PRO H 31 -45.35 0.96 25.47
CA SER H 32 -47.41 1.08 22.34
CA VAL H 33 -47.16 0.40 18.63
CA SER H 34 -49.89 0.59 15.90
CA GLU H 35 -50.16 -0.62 12.28
CA ALA H 36 -53.05 -1.27 9.68
CA PRO H 37 -54.54 -4.70 8.83
CA ARG H 38 -52.78 -7.11 6.51
CA GLN H 39 -49.33 -5.83 7.21
CA ARG H 40 -46.40 -7.42 9.17
CA VAL H 41 -45.64 -5.95 12.59
CA THR H 42 -42.67 -6.51 14.90
CA ILE H 43 -42.61 -5.85 18.69
CA SER H 44 -39.02 -5.50 20.16
CA CYS H 45 -37.87 -6.33 23.63
CA SER H 46 -34.30 -5.45 24.63
CA GLY H 47 -32.45 -6.36 27.78
CA SER H 48 -28.93 -7.45 29.07
CA SER H 49 -26.34 -10.16 29.12
CA SER H 50 -27.61 -11.90 32.27
CA ASN H 51 -31.14 -12.46 30.93
CA ILE H 52 -31.64 -12.36 27.04
CA GLY H 53 -27.90 -12.97 26.15
CA ASN H 54 -27.62 -16.08 28.31
CA ASN H 55 -31.27 -17.35 28.67
CA ALA H 56 -34.36 -17.85 26.47
CA VAL H 57 -37.13 -15.45 25.98
CA ASN H 58 -40.82 -16.46 26.27
CA TRP H 59 -43.70 -14.09 25.19
CA TYR H 60 -47.29 -13.64 26.67
CA GLN H 61 -50.38 -12.15 25.12
CA GLN H 62 -52.88 -10.45 27.60
CA PHE H 63 -56.42 -9.39 26.54
CA PRO H 64 -58.04 -6.99 28.89
CA GLY H 65 -60.09 -8.63 31.83
CA LYS H 66 -58.38 -11.87 31.20
CA ALA H 67 -55.31 -13.70 32.59
CA PRO H 68 -51.98 -13.88 30.49
CA LYS H 69 -51.55 -16.76 27.96
CA LEU H 70 -48.31 -18.21 26.48
CA LEU H 71 -47.75 -17.18 22.94
CA ILE H 72 -44.10 -18.08 21.97
CA TYR H 73 -41.81 -20.24 24.19
CA TYR H 74 -37.93 -20.60 23.91
CA ASP H 75 -37.29 -17.51 21.65
CA ASP H 76 -39.19 -18.75 18.56
CA LEU H 77 -41.01 -22.20 19.07
CA LEU H 78 -44.74 -22.51 18.72
CA PRO H 79 -46.52 -23.53 22.05
CA SER H 80 -50.06 -24.93 22.67
CA GLY H 81 -52.98 -23.37 20.77
CA VAL H 82 -51.33 -20.44 18.88
CA SER H 83 -51.76 -19.75 15.16
CA ASP H 84 -48.43 -19.63 13.20
CA ARG H 85 -49.21 -15.98 12.14
CA PHE H 86 -47.15 -15.37 15.31
CA SER H 87 -43.39 -15.84 15.23
CA GLY H 88 -40.58 -14.75 17.45
CA SER H 89 -36.79 -14.07 17.33
CA LYS H 90 -33.85 -13.49 19.54
CA SER H 91 -30.56 -11.90 18.23
CA GLY H 92 -27.94 -10.85 20.83
CA THR H 93 -29.51 -9.18 23.85
CA SER H 94 -32.69 -8.24 21.85
CA ALA H 95 -35.76 -10.36 21.40
CA SER H 96 -38.59 -9.45 18.88
CA LEU H 97 -42.15 -10.83 18.48
CA ALA H 98 -43.49 -10.61 14.99
CA ILE H 99 -47.11 -11.05 13.86
CA SER H 100 -47.52 -11.68 10.08
CA GLY H 101 -50.32 -9.74 8.21
CA LEU H 102 -52.06 -8.02 11.19
CA GLN H 103 -55.73 -8.74 11.96
CA SER H 104 -58.09 -7.03 14.59
CA GLU H 105 -57.63 -9.88 17.17
CA ASP H 106 -54.01 -9.00 17.51
CA GLU H 107 -55.14 -5.93 19.71
CA ALA H 108 -53.64 -6.79 23.16
CA TYR H 109 -50.78 -6.34 25.55
CA TYR H 110 -47.67 -8.45 24.79
CA TYR H 111 -45.10 -8.98 27.54
CA CYS H 112 -41.74 -10.62 27.11
CA ALA H 113 -40.04 -12.55 29.83
CA ALA H 114 -36.72 -14.07 30.62
CA TRP H 115 -34.86 -15.72 33.55
CA ASP H 116 -32.03 -13.58 34.97
CA ASP H 117 -29.02 -15.49 36.44
CA SER H 118 -27.86 -12.24 38.19
CA LEU H 119 -30.96 -11.49 40.34
CA ILE H 120 -32.32 -15.09 40.27
CA GLY H 121 -35.68 -13.97 38.90
CA VAL H 122 -37.79 -14.14 35.78
CA VAL H 123 -37.95 -10.55 34.77
CA PHE H 124 -40.75 -9.14 32.64
CA GLY H 125 -40.86 -6.61 29.92
CA GLY H 126 -42.73 -3.35 30.46
CA GLY H 127 -45.63 -4.35 28.10
CA THR H 128 -46.53 -3.30 24.58
CA LYS H 129 -50.02 -2.48 23.69
CA LEU H 130 -50.73 -3.19 19.92
CA THR H 131 -53.33 -1.10 18.21
CA VAL H 132 -55.03 -2.03 14.90
CA LEU H 133 -55.76 0.84 12.38
CA GLY H 134 -57.95 0.53 9.06
CA GLN H 135 -60.70 1.70 11.28
CA PRO H 136 -61.73 5.43 11.23
CA LYS H 137 -60.21 7.58 14.00
CA ALA H 138 -62.42 8.58 16.95
CA ALA H 139 -62.11 11.87 18.80
CA PRO H 140 -63.35 12.56 22.40
CA SER H 141 -67.06 12.91 23.14
CA VAL H 142 -67.15 15.25 26.13
CA THR H 143 -70.02 16.05 28.59
CA LEU H 144 -69.48 18.50 31.46
CA PHE H 145 -71.68 18.73 34.53
CA PRO H 146 -71.91 21.47 37.24
CA PRO H 147 -71.75 20.98 41.12
CA SER H 148 -74.92 20.39 43.22
CA SER H 149 -76.85 22.27 46.03
CA GLU H 150 -76.32 19.55 48.64
CA GLU H 151 -72.57 19.61 47.95
CA LEU H 152 -72.49 23.36 48.17
CA GLN H 153 -74.46 22.96 51.53
CA ALA H 154 -71.77 20.25 52.42
CA ASN H 155 -69.15 22.97 51.55
CA LYS H 156 -67.77 21.21 48.42
CA ALA H 157 -68.32 21.24 44.64
CA THR H 158 -67.38 18.71 41.90
CA LEU H 159 -67.25 19.63 38.31
CA VAL H 160 -67.59 16.35 36.37
CA CYS H 161 -66.02 16.17 32.89
CA LEU H 162 -66.89 12.88 30.99
CA ILE H 163 -64.82 11.59 28.17
CA SER H 164 -65.92 8.78 25.72
CA ASP H 165 -65.98 7.38 22.17
CA PHE H 166 -62.16 7.91 21.42
CA TYR H 167 -59.67 5.65 19.61
CA PRO H 168 -56.38 5.71 19.43
CA GLY H 169 -56.72 5.73 23.25
CA ALA H 170 -54.43 8.58 24.51
CA VAL H 171 -55.44 11.83 26.15
CA THR H 172 -54.21 15.03 27.89
CA VAL H 173 -56.81 17.01 29.99
CA ALA H 174 -56.85 20.76 30.80
CA TRP H 175 -59.33 22.72 33.05
CA LYS H 176 -59.84 26.53 32.83
CA ALA H 177 -61.33 28.99 35.44
CA ASP H 178 -62.97 31.80 33.20
CA SER H 179 -60.14 31.60 30.73
CA SER H 180 -56.97 30.98 32.81
CA PRO H 181 -55.84 27.16 33.24
CA VAL H 182 -56.20 25.22 36.56
CA LYS H 183 -53.72 22.50 37.58
CA ALA H 184 -55.03 22.05 41.16
CA GLY H 185 -57.79 19.97 42.66
CA VAL H 186 -57.72 17.64 39.64
CA GLU H 187 -58.25 13.90 39.47
CA THR H 188 -58.24 12.10 35.92
CA THR H 189 -58.30 8.37 35.11
CA THR H 190 -56.17 6.55 32.59
CA PRO H 191 -58.21 5.43 29.44
CA SER H 192 -60.26 2.15 29.66
CA LYS H 193 -61.80 0.32 26.62
CA GLN H 194 -65.56 0.52 26.18
CA SER H 195 -67.94 -2.32 25.09
CA ASN H 196 -68.39 -0.48 21.80
CA ASN H 197 -64.67 -0.67 20.96
CA LYS H 198 -63.60 2.85 21.85
CA TYR H 199 -62.05 4.25 25.01
CA ALA H 200 -63.55 6.10 28.01
CA ALA H 201 -62.11 8.24 30.77
CA SER H 202 -63.38 10.57 33.55
CA SER H 203 -61.83 13.89 34.79
CA TYR H 204 -62.83 15.65 38.03
CA LEU H 205 -62.09 19.12 39.25
CA SER H 206 -63.15 19.48 42.86
CA LEU H 207 -63.88 23.07 43.98
CA THR H 208 -64.95 24.83 47.19
CA PRO H 209 -68.02 27.06 46.99
CA GLU H 210 -65.98 30.30 46.92
CA GLN H 211 -64.05 28.92 44.01
CA TRP H 212 -67.17 28.00 42.04
CA LYS H 213 -68.70 31.44 42.66
CA SER H 214 -65.77 33.77 41.92
CA HIS H 215 -65.50 32.61 38.31
CA ARG H 216 -67.75 33.20 35.44
CA SER H 217 -67.42 29.71 34.17
CA TYR H 218 -65.31 26.63 34.36
CA SER H 219 -64.16 24.78 31.29
CA CYS H 220 -62.93 21.27 30.59
CA GLN H 221 -60.57 20.85 27.40
CA VAL H 222 -59.74 17.26 26.40
CA THR H 223 -56.82 17.03 23.83
CA HIS H 224 -56.56 13.80 21.77
CA GLU H 225 -53.96 13.06 19.13
CA GLY H 226 -53.87 16.57 17.69
CA SER H 227 -57.52 17.64 18.30
CA THR H 228 -58.96 19.43 21.28
CA VAL H 229 -62.60 19.29 22.39
CA GLU H 230 -63.90 21.57 25.23
CA LYS H 231 -67.18 22.01 27.30
CA THR H 232 -68.17 24.94 29.64
CA VAL H 233 -70.48 25.18 32.65
CA ALA H 234 -71.41 28.44 34.59
CA PRO H 235 -72.75 29.23 38.17
CA GLN I 5 58.75 39.72 -16.80
CA VAL I 6 55.04 40.04 -17.83
CA GLN I 7 53.49 43.34 -18.74
CA LEU I 8 49.98 44.33 -19.78
CA VAL I 9 49.40 48.09 -20.63
CA GLU I 10 46.10 49.59 -21.92
CA SER I 11 46.21 53.16 -23.52
CA GLY I 12 43.68 55.48 -25.20
CA GLY I 13 40.97 56.16 -22.55
CA GLY I 14 39.59 59.62 -21.77
CA VAL I 15 36.45 61.59 -22.40
CA VAL I 16 34.21 61.21 -25.55
CA GLN I 17 30.89 62.81 -26.40
CA PRO I 18 27.74 60.59 -26.74
CA GLY I 19 27.51 58.29 -29.92
CA ARG I 20 31.16 58.81 -31.03
CA SER I 21 33.90 56.27 -31.51
CA LEU I 22 37.12 55.55 -29.71
CA ARG I 23 39.86 52.86 -30.21
CA LEU I 24 41.65 51.36 -27.24
CA SER I 25 44.96 49.41 -27.30
CA CYS I 26 46.88 47.12 -24.89
CA ALA I 27 50.65 46.74 -25.21
CA ALA I 28 51.70 43.22 -24.18
CA SER I 29 55.27 42.19 -23.55
CA GLY I 30 57.39 39.69 -21.59
CA PHE I 31 55.42 36.59 -22.37
CA THR I 32 54.51 35.05 -25.76
CA PHE I 33 51.38 37.07 -26.45
CA SER I 34 50.71 35.52 -29.85
CA ALA I 35 50.24 32.04 -28.28
CA TYR I 36 47.63 33.23 -25.68
CA GLY I 37 44.01 34.42 -25.73
CA MET I 38 43.11 37.93 -24.61
CA HIS I 39 39.89 39.32 -22.82
CA TRP I 40 38.32 42.67 -22.27
CA VAL I 41 36.51 43.39 -19.02
CA ARG I 42 34.89 46.74 -17.92
CA GLN I 43 33.92 48.18 -14.48
CA ALA I 44 31.38 51.07 -13.95
CA PRO I 45 32.97 53.06 -11.07
CA GLY I 46 33.32 51.01 -7.87
CA LYS I 47 30.49 48.58 -8.77
CA GLY I 48 30.24 45.30 -10.86
CA LEU I 49 32.40 43.71 -13.58
CA GLU I 50 30.97 43.60 -17.02
CA TRP I 51 32.24 41.21 -19.64
CA VAL I 52 32.92 42.98 -22.99
CA ALA I 53 34.93 40.66 -25.27
CA ILE I 54 37.22 37.61 -25.86
CA ILE I 55 39.70 36.81 -28.63
CA TRP I 56 41.62 33.54 -29.55
CA TYR I 57 45.50 33.25 -30.12
CA ASP I 58 45.38 34.37 -33.79
CA GLY I 59 41.85 35.69 -33.32
CA SER I 60 40.04 33.23 -35.34
CA ASN I 61 37.42 32.74 -32.60
CA LYS I 62 35.94 35.84 -31.15
CA TYR I 63 33.14 36.21 -28.49
CA TYR I 64 31.20 39.32 -27.47
CA ALA I 65 28.75 40.46 -24.81
CA ASP I 66 25.06 41.12 -25.75
CA SER I 67 25.20 44.56 -24.10
CA VAL I 68 28.07 45.86 -26.34
CA LYS I 69 27.26 43.65 -29.44
CA GLY I 70 27.09 45.65 -32.72
CA ARG I 71 29.02 48.61 -31.20
CA PHE I 72 32.26 46.84 -30.55
CA THR I 73 34.76 44.99 -32.73
CA ILE I 74 37.91 43.36 -31.24
CA SER I 75 41.24 42.56 -32.98
CA ARG I 76 45.03 41.91 -32.36
CA ASP I 77 48.40 42.40 -34.05
CA ASN I 78 50.51 39.39 -32.96
CA SER I 79 53.48 40.69 -34.91
CA LYS I 80 53.58 43.83 -32.97
CA ASN I 81 52.55 42.23 -29.58
CA THR I 82 49.41 44.40 -29.43
CA LEU I 83 45.74 44.05 -28.53
CA HIS I 84 43.10 46.37 -29.92
CA LEU I 85 39.47 47.22 -29.02
CA GLN I 86 37.44 49.46 -31.40
CA MET I 87 34.27 50.96 -30.03
CA ASN I 88 31.70 52.71 -32.07
CA SER I 89 28.39 54.53 -31.42
CA LEU I 90 29.15 54.72 -27.57
CA ARG I 91 26.05 54.58 -25.28
CA ALA I 92 25.85 56.21 -21.70
CA GLU I 93 26.03 52.68 -20.33
CA ASP I 94 29.50 52.22 -21.91
CA THR I 95 31.27 54.57 -19.43
CA ALA I 96 33.71 52.35 -17.45
CA ILE I 97 37.33 51.38 -16.73
CA TYR I 98 38.40 48.84 -19.44
CA TYR I 99 40.93 46.17 -18.42
CA CYS I 100 42.89 43.90 -20.87
CA ALA I 101 43.73 40.54 -19.49
CA ARG I 102 45.39 37.20 -20.36
CA ASP I 103 43.79 33.75 -20.59
CA LYS I 104 45.14 30.66 -22.42
CA ASN I 105 42.43 30.02 -25.11
CA PRO I 106 40.07 27.47 -23.41
CA GLY I 107 36.19 27.03 -24.19
CA THR I 108 36.75 25.38 -27.49
CA LYS I 109 36.03 21.62 -27.46
CA PRO I 110 37.25 19.40 -24.35
CA TYR I 111 39.57 22.22 -23.46
CA TYR I 112 36.84 24.15 -21.45
CA HIS I 113 37.18 27.66 -20.01
CA TYR I 114 39.42 29.14 -17.40
CA GLY I 115 39.24 32.77 -16.60
CA MET I 116 42.06 35.28 -16.21
CA ASP I 117 45.77 34.68 -15.43
CA VAL I 118 46.80 38.35 -15.72
CA TRP I 119 44.94 41.69 -15.73
CA GLY I 120 46.35 44.97 -17.06
CA GLN I 121 46.26 48.44 -15.51
CA GLY I 122 42.80 49.78 -16.56
CA THR I 123 41.75 52.76 -18.72
CA THR I 124 38.59 54.97 -18.20
CA VAL I 125 36.42 55.71 -21.19
CA THR I 126 33.92 58.38 -20.01
CA VAL I 127 30.89 58.99 -22.19
CA SER I 128 30.43 62.68 -21.73
CA SER I 129 27.57 64.74 -20.36
CA ALA I 130 26.81 68.49 -20.94
CA GLY I 131 29.78 70.24 -22.58
CA THR I 132 32.76 72.09 -21.10
CA LYS I 133 31.63 74.50 -18.40
CA GLY I 134 33.89 76.63 -16.29
CA PRO I 135 33.51 77.00 -12.41
CA SER I 136 31.23 79.73 -10.79
CA VAL I 137 33.25 80.29 -7.58
CA PHE I 138 31.08 81.30 -4.57
CA PRO I 139 32.47 82.37 -1.09
CA LEU I 140 31.31 80.52 2.08
CA ALA I 141 30.39 82.94 4.91
CA PRO I 142 33.12 83.08 7.68
CA SER I 143 31.75 81.90 11.08
CA SER I 144 27.96 82.49 10.71
CA LYS I 145 27.44 85.42 13.26
CA SER I 146 29.88 84.18 15.77
CA THR I 147 33.29 86.04 16.25
CA SER I 148 35.89 86.35 19.02
CA GLY I 149 35.84 82.69 20.16
CA GLY I 150 38.52 79.91 19.67
CA THR I 151 38.61 78.55 15.98
CA ALA I 152 36.10 79.39 13.13
CA ALA I 153 35.81 78.12 9.55
CA LEU I 154 35.52 79.66 6.04
CA GLY I 155 36.10 78.68 2.38
CA CYS I 156 35.09 78.80 -1.28
CA LEU I 157 32.45 76.64 -2.96
CA VAL I 158 33.61 75.74 -6.61
CA LYS I 159 30.01 75.00 -8.11
CA ASP I 160 28.48 73.72 -11.38
CA TYR I 161 31.44 72.72 -13.81
CA PHE I 162 32.06 69.94 -16.37
CA PRO I 163 34.43 68.01 -16.70
CA GLU I 164 37.16 67.23 -14.14
CA PRO I 165 39.88 68.20 -13.08
CA VAL I 166 40.12 71.32 -10.92
CA THR I 167 43.09 72.17 -8.77
CA VAL I 168 42.36 74.45 -5.85
CA SER I 169 44.81 76.32 -3.66
CA TRP I 170 44.82 78.99 -0.83
CA ASN I 171 46.95 82.17 -0.81
CA SER I 172 49.30 80.70 -3.48
CA GLY I 173 50.12 77.86 -1.17
CA ALA I 174 51.02 80.21 1.76
CA LEU I 175 48.24 78.69 3.91
CA THR I 176 48.47 74.86 4.42
CA SER I 177 47.49 74.44 8.02
CA GLY I 178 43.85 73.35 8.52
CA VAL I 179 42.79 73.46 4.78
CA HIS I 180 40.21 70.86 3.48
CA THR I 181 39.67 70.56 -0.29
CA PHE I 182 36.88 67.94 -0.66
CA PRO I 183 36.35 65.92 -3.83
CA ALA I 184 33.51 66.67 -6.41
CA VAL I 185 29.83 65.62 -5.81
CA LEU I 186 27.70 65.04 -8.95
CA GLN I 187 24.77 67.55 -8.96
CA SER I 188 21.16 66.28 -10.12
CA SER I 189 21.83 67.71 -13.72
CA GLY I 190 25.18 65.91 -14.08
CA LEU I 191 27.42 68.94 -13.23
CA TYR I 192 30.30 68.72 -10.66
CA SER I 193 30.75 70.75 -7.50
CA LEU I 194 33.46 70.69 -4.93
CA SER I 195 34.24 72.84 -1.78
CA SER I 196 37.65 73.94 -0.52
CA VAL I 197 37.36 74.91 3.20
CA VAL I 198 39.84 75.96 6.01
CA THR I 199 39.77 76.27 9.92
CA VAL I 200 41.25 79.51 11.30
CA PRO I 201 41.46 81.48 14.73
CA SER I 202 38.24 83.42 15.39
CA SER I 203 39.89 86.85 15.95
CA SER I 204 41.52 86.49 12.38
CA LEU I 205 38.36 87.41 10.59
CA GLY I 206 39.48 90.16 8.15
CA THR I 207 42.86 90.76 9.78
CA GLN I 208 44.20 88.05 7.49
CA THR I 209 43.38 87.93 3.68
CA TYR I 210 41.81 84.59 2.58
CA ILE I 211 42.12 83.90 -1.12
CA CYS I 212 41.20 80.60 -2.92
CA ASN I 213 43.04 79.91 -6.25
CA VAL I 214 40.69 77.85 -8.48
CA ASN I 215 42.29 76.48 -11.61
CA HIS I 216 40.08 74.79 -14.09
CA LYS I 217 42.24 73.30 -16.91
CA PRO I 218 39.61 72.06 -19.64
CA SER I 219 38.23 75.65 -20.45
CA ASN I 220 41.73 77.13 -19.48
CA THR I 221 39.96 79.13 -16.73
CA LYS I 222 41.64 80.46 -13.55
CA VAL I 223 39.80 82.53 -10.95
CA ASP I 224 41.36 83.66 -7.67
CA LYS I 225 38.48 84.55 -5.34
CA LYS I 226 38.52 86.48 -2.01
CA VAL I 227 36.42 85.46 1.03
CA GLU I 228 35.08 88.27 3.32
CA PRO I 229 32.92 88.21 6.58
CA LYS I 230 29.19 88.72 5.70
CA SER I 231 27.67 90.70 8.62
CA CYS I 232 23.80 90.20 8.83
CA SER J 25 24.33 39.46 -15.81
CA VAL J 26 25.97 39.60 -12.45
CA LEU J 27 26.51 36.63 -9.96
CA THR J 28 25.01 37.12 -6.57
CA GLN J 29 27.58 38.21 -3.95
CA PRO J 30 26.61 40.20 -0.76
CA PRO J 31 27.98 43.81 -1.28
CA SER J 32 29.84 43.62 1.94
CA VAL J 33 30.94 41.43 4.79
CA SER J 34 32.81 42.29 7.94
CA GLU J 35 34.61 40.73 10.88
CA ALA J 36 37.01 41.21 13.79
CA PRO J 37 40.82 40.64 13.45
CA ARG J 38 41.95 36.93 13.24
CA GLN J 39 38.66 35.23 12.58
CA ARG J 40 37.53 32.97 9.79
CA VAL J 41 35.11 34.61 7.22
CA THR J 42 33.45 33.33 4.07
CA ILE J 43 32.13 35.14 1.06
CA SER J 44 29.48 33.32 -0.90
CA CYS J 45 28.81 33.59 -4.73
CA SER J 46 25.51 32.24 -6.06
CA GLY J 47 24.37 31.65 -9.64
CA SER J 48 22.86 29.02 -11.94
CA SER J 49 23.47 25.49 -13.26
CA SER J 50 24.67 27.04 -16.55
CA ASN J 51 27.53 29.06 -14.89
CA ILE J 52 28.77 27.75 -11.49
CA GLY J 53 27.10 24.37 -12.02
CA ASN J 54 28.83 23.96 -15.44
CA ASN J 55 32.24 25.44 -15.11
CA ALA J 56 35.25 26.35 -12.95
CA VAL J 57 35.07 29.18 -10.44
CA ASN J 58 37.69 31.91 -10.19
CA TRP J 59 38.10 34.54 -7.47
CA TYR J 60 40.01 37.92 -8.08
CA GLN J 61 41.20 40.30 -5.47
CA GLN J 62 40.95 44.01 -6.24
CA PHE J 63 42.70 46.53 -3.88
CA PRO J 64 41.33 50.16 -3.61
CA GLY J 65 42.54 52.37 -6.69
CA LYS J 66 44.06 49.17 -8.30
CA ALA J 67 43.30 46.77 -11.19
CA PRO J 68 42.41 43.14 -10.49
CA LYS J 69 44.78 40.35 -9.30
CA LEU J 70 44.24 36.58 -9.25
CA LEU J 71 43.50 34.99 -5.86
CA ILE J 72 42.00 31.50 -6.49
CA TYR J 73 41.79 29.65 -9.87
CA TYR J 74 39.73 26.49 -10.73
CA ASP J 75 37.62 26.70 -7.42
CA ASP J 76 40.67 26.24 -4.97
CA LEU J 77 44.06 26.36 -6.62
CA LEU J 78 46.53 29.03 -5.32
CA PRO J 79 48.74 30.98 -7.79
CA SER J 80 52.32 32.08 -6.98
CA GLY J 81 52.48 34.75 -4.20
CA VAL J 82 49.08 34.35 -2.75
CA SER J 83 48.07 33.52 0.94
CA ASP J 84 47.48 29.86 2.07
CA ARG J 85 44.64 30.94 4.43
CA PHE J 86 42.52 31.35 1.28
CA SER J 87 40.58 28.28 0.40
CA GLY J 88 37.49 27.77 -1.80
CA SER J 89 34.64 25.30 -2.32
CA LYS J 90 31.89 24.72 -4.88
CA SER J 91 28.64 22.75 -4.29
CA GLY J 92 25.67 22.96 -6.77
CA THR J 93 24.76 26.52 -7.78
CA SER J 94 26.87 27.98 -4.99
CA ALA J 95 30.51 28.86 -4.74
CA SER J 96 32.37 30.06 -1.72
CA LEU J 97 35.55 31.77 -0.75
CA ALA J 98 36.89 31.00 2.68
CA ILE J 99 39.29 33.26 4.42
CA SER J 100 41.01 32.07 7.59
CA GLY J 101 42.36 34.31 10.33
CA LEU J 102 41.35 37.67 8.80
CA GLN J 103 44.15 40.36 8.53
CA SER J 104 43.87 44.09 8.12
CA GLU J 105 45.62 44.08 4.71
CA ASP J 106 42.67 41.81 3.57
CA GLU J 107 40.32 44.95 3.13
CA ALA J 108 39.46 44.92 -0.59
CA TYR J 109 36.71 44.15 -3.10
CA TYR J 110 36.48 40.35 -4.06
CA TYR J 111 34.89 39.30 -7.42
CA CYS J 112 34.02 35.75 -8.44
CA ALA J 113 33.81 34.61 -12.15
CA ALA J 114 32.69 31.46 -13.95
CA TRP J 115 31.84 30.85 -17.69
CA ASP J 116 28.15 30.53 -18.83
CA ASP J 117 27.32 28.23 -21.82
CA SER J 118 23.74 29.57 -22.06
CA LEU J 119 24.79 33.27 -22.41
CA ILE J 120 28.17 32.22 -24.05
CA GLY J 121 29.83 34.95 -21.94
CA VAL J 122 31.87 34.80 -18.79
CA VAL J 123 29.76 36.21 -15.94
CA PHE J 124 31.17 38.08 -12.98
CA GLY J 125 29.92 38.63 -9.50
CA GLY J 126 28.85 42.13 -8.35
CA GLY J 127 31.91 42.22 -6.00
CA THR J 128 32.21 41.87 -2.17
CA LYS J 129 33.71 44.59 0.09
CA LEU J 130 35.54 43.08 3.01
CA THR J 131 35.93 45.32 6.13
CA VAL J 132 38.17 44.62 9.20
CA LEU J 133 36.52 45.59 12.45
CA GLY J 134 37.96 46.23 15.93
CA GLN J 135 39.23 49.75 15.27
CA PRO J 136 37.85 52.71 17.35
CA LYS J 137 34.34 53.85 16.44
CA ALA J 138 34.57 57.58 15.71
CA ALA J 139 31.75 60.20 15.67
CA PRO J 140 32.02 62.64 12.58
CA SER J 141 33.46 66.18 12.71
CA VAL J 142 30.69 68.09 10.96
CA THR J 143 31.09 71.61 9.44
CA LEU J 144 28.24 73.54 7.71
CA PHE J 145 28.25 76.72 5.66
CA PRO J 146 25.27 78.84 4.61
CA PRO J 147 24.84 80.19 1.04
CA SER J 148 26.37 83.46 -0.04
CA SER J 149 24.92 86.78 -1.14
CA GLU J 150 26.57 86.15 -4.50
CA GLU J 151 25.05 82.76 -5.03
CA LEU J 152 21.51 84.02 -4.09
CA GLN J 153 22.21 86.86 -6.66
CA ALA J 154 23.15 84.25 -9.34
CA ASN J 155 19.70 82.53 -8.51
CA LYS J 156 21.24 79.47 -6.69
CA ALA J 157 21.78 78.69 -2.95
CA THR J 158 24.13 75.93 -1.65
CA LEU J 159 24.37 74.70 1.92
CA VAL J 160 27.75 72.90 2.22
CA CYS J 161 27.92 70.18 4.79
CA LEU J 162 31.40 68.69 5.21
CA ILE J 163 31.55 65.40 7.21
CA SER J 164 34.94 63.92 8.20
CA ASP J 165 36.87 61.69 10.60
CA PHE J 166 34.24 58.86 11.03
CA TYR J 167 34.41 55.12 11.49
CA PRO J 168 32.73 52.61 10.51
CA GLY J 169 32.43 54.21 7.18
CA ALA J 170 28.72 55.03 6.85
CA VAL J 171 26.64 58.19 6.98
CA THR J 172 23.16 59.24 5.95
CA VAL J 173 22.52 63.04 5.93
CA ALA J 174 19.23 64.69 6.91
CA TRP J 175 18.49 68.52 6.62
CA LYS J 176 16.09 70.61 8.55
CA ALA J 177 14.55 73.87 7.67
CA ASP J 178 14.11 75.70 11.00
CA SER J 179 13.22 72.39 12.73
CA SER J 180 11.32 70.54 9.97
CA PRO J 181 12.92 67.98 7.64
CA VAL J 182 14.09 68.57 4.00
CA LYS J 183 15.50 65.72 1.83
CA ALA J 184 14.89 67.00 -1.70
CA GLY J 185 17.68 69.09 -3.25
CA VAL J 186 20.12 67.00 -1.21
CA GLU J 187 23.16 65.42 -2.89
CA THR J 188 25.25 63.28 -0.65
CA THR J 189 28.38 61.26 -1.41
CA THR J 190 29.51 57.74 -0.37
CA PRO J 191 32.25 57.78 2.32
CA SER J 192 35.92 57.59 1.20
CA LYS J 193 39.15 56.63 3.11
CA GLN J 194 41.38 59.22 4.87
CA SER J 195 45.19 58.22 5.14
CA ASN J 196 44.58 57.00 8.64
CA ASN J 197 41.61 54.61 7.60
CA LYS J 198 38.72 56.85 8.61
CA TYR J 199 36.17 58.23 6.31
CA ALA J 200 35.03 61.63 4.75
CA ALA J 201 31.88 62.78 2.88
CA SER J 202 30.05 65.82 1.56
CA SER J 203 26.45 66.64 1.63
CA TYR J 204 25.15 69.66 -0.34
CA LEU J 205 21.49 71.03 -0.19
CA SER J 206 20.71 73.26 -3.17
CA LEU J 207 17.90 75.69 -2.76
CA THR J 208 16.29 78.75 -4.50
CA PRO J 209 16.30 82.34 -2.90
CA GLU J 210 12.61 82.22 -1.88
CA GLN J 211 13.20 79.00 0.24
CA TRP J 212 16.10 80.79 2.12
CA LYS J 213 14.01 83.97 2.66
CA SER J 214 11.17 81.83 4.27
CA HIS J 215 13.30 80.29 7.24
CA ARG J 216 14.99 81.41 10.46
CA SER J 217 17.74 78.81 9.95
CA TYR J 218 18.79 75.72 8.13
CA SER J 219 20.40 72.66 9.79
CA CYS J 220 22.46 69.76 8.55
CA GLN J 221 22.03 66.62 10.69
CA VAL J 222 24.57 63.84 9.99
CA THR J 223 23.62 60.30 11.05
CA HIS J 224 26.50 57.85 11.53
CA GLU J 225 25.92 54.31 12.90
CA GLY J 226 22.49 55.54 13.99
CA SER J 227 23.79 58.41 16.13
CA THR J 228 23.15 61.90 14.89
CA VAL J 229 25.23 65.13 14.99
CA GLU J 230 23.87 68.47 13.69
CA LYS J 231 25.26 71.93 13.01
CA THR J 232 23.08 75.03 12.13
CA VAL J 233 23.50 78.09 9.92
CA ALA J 234 21.46 81.32 9.44
CA PRO J 235 20.69 84.09 6.79
#